data_9GTW
#
_entry.id   9GTW
#
_cell.length_a   96.952
_cell.length_b   101.938
_cell.length_c   128.658
_cell.angle_alpha   90.00
_cell.angle_beta   90.00
_cell.angle_gamma   90.00
#
_symmetry.space_group_name_H-M   'P 21 21 21'
#
loop_
_entity.id
_entity.type
_entity.pdbx_description
1 polymer 'Lysosomal alpha-glucosidase'
2 branched 2-acetamido-2-deoxy-beta-D-glucopyranose-(1-4)-[alpha-L-fucopyranose-(1-6)]2-acetamido-2-deoxy-beta-D-glucopyranose
3 branched 2-acetamido-2-deoxy-beta-D-glucopyranose-(1-4)-2-acetamido-2-deoxy-beta-D-glucopyranose
4 branched beta-D-mannopyranose-(1-4)-2-acetamido-2-deoxy-beta-D-glucopyranose-(1-4)-2-acetamido-2-deoxy-beta-D-glucopyranose
5 non-polymer 2-acetamido-2-deoxy-beta-D-glucopyranose
6 non-polymer (2~{S},3~{S},4~{S},5~{S})-2-heptyl-5-(hydroxymethyl)pyrrolidine-3,4-diol
7 non-polymer 'SULFATE ION'
8 non-polymer 'CHLORIDE ION'
9 non-polymer GLYCEROL
10 non-polymer 'TRIETHYLENE GLYCOL'
11 non-polymer DI(HYDROXYETHYL)ETHER
12 non-polymer 1,2-ETHANEDIOL
13 water water
#
_entity_poly.entity_id   1
_entity_poly.type   'polypeptide(L)'
_entity_poly.pdbx_seq_one_letter_code
;MGVRHPPCSHRLLAVCALVSLATAALLGHILLHDFLLVPRELSGSSPVLEETHPAHQQGASRPGPRDAQAHPGRPRAVPT
QCDVPPNSRFDCAPDKAITQEQCEARGCCYIPAKQGLQGAQMGQPWCFFPPSYPSYKLENLSSSEMGYTATLTRTTPTFF
PKDILTLRLDVMMETENRLHFTIKDPANRRYEVPLETPRVHSRAPSPLYSVEFSEEPFGVIVHRQLDGRVLLNTTVAPLF
FADQFLQLSTSLPSQYITGLAEHLSPLMLSTSWTRITLWNRDLAPTPGANLYGSHPFYLALEDGGSAHGVFLLNSNAMDV
VLQPSPALSWRSTGGILDVYIFLGPEPKSVVQQYLDVVGYPFMPPYWGLGFHLCRWGYSSTAITRQVVENMTRAHFPLDV
QWNDLDYMDSRRDFTFNKDGFRDFPAMVQELHQGGRRYMMIVDPAISSSGPAGSYRPYDEGLRRGVFITNETGQPLIGKV
WPGSTAFPDFTNPTALAWWEDMVAEFHDQVPFDGMWIDMNEPSNFIRGSEDGCPNNELENPPYVPGVVGGTLQAATICAS
SHQFLSTHYNLHNLYGLTEAIASHRALVKARGTRPFVISRSTFAGHGRYAGHWTGDVWSSWEQLASSVPEILQFNLLGVP
LVGADVCGFLGNTSEELCVRWTQLGAFYPFMRNHNSLLSLPQEPYSFSEPAQQAMRKALTLRYALLPHLYTLFHQAHVAG
ETVARPLFLEFPKDSSTWTVDHQLLWGEALLITPVLQAGKAEVTGYFPLGTWYDLQTVPIEALGSLPPPPAAPREPAIHS
EGQWVTLPAPLDTINVHLRAGYIIPLQGPGLTTTESRQQPMALAVALTKGGEARGELFWDDGESLEVLERGAYTQVIFLA
RNNTIVNELVRVTSEGAGLQLQKVTVLGVATAPQQVLSNGVPVSNFTYSPDTKVLDI(CSO)VSLLMGEQFLVSWC
;
_entity_poly.pdbx_strand_id   A
#
# COMPACT_ATOMS: atom_id res chain seq x y z
N GLN A 81 -44.33 7.49 6.18
CA GLN A 81 -43.34 7.58 5.06
C GLN A 81 -42.01 8.17 5.59
N CYS A 82 -42.07 9.06 6.57
CA CYS A 82 -40.86 9.72 7.15
C CYS A 82 -40.42 9.03 8.44
N ASP A 83 -41.01 7.88 8.75
CA ASP A 83 -40.71 7.08 9.96
C ASP A 83 -39.50 6.17 9.65
N VAL A 84 -38.33 6.78 9.48
CA VAL A 84 -37.07 6.07 9.19
C VAL A 84 -36.20 6.15 10.44
N PRO A 85 -35.69 5.00 10.95
CA PRO A 85 -34.75 4.99 12.06
C PRO A 85 -33.58 5.94 11.79
N PRO A 86 -33.15 6.75 12.79
CA PRO A 86 -32.11 7.76 12.56
C PRO A 86 -30.89 7.22 11.80
N ASN A 87 -30.40 6.04 12.17
CA ASN A 87 -29.11 5.52 11.66
C ASN A 87 -29.29 5.10 10.19
N SER A 88 -30.52 5.00 9.71
CA SER A 88 -30.86 4.48 8.35
C SER A 88 -31.28 5.63 7.44
N ARG A 89 -31.13 6.88 7.90
CA ARG A 89 -31.52 8.06 7.10
C ARG A 89 -30.38 8.39 6.13
N PHE A 90 -30.69 8.45 4.84
CA PHE A 90 -29.69 8.79 3.80
C PHE A 90 -29.92 10.26 3.42
N ASP A 91 -28.83 11.01 3.32
CA ASP A 91 -28.83 12.50 3.15
C ASP A 91 -29.48 12.88 1.81
N CYS A 92 -30.57 13.65 1.86
CA CYS A 92 -31.26 14.24 0.69
C CYS A 92 -30.76 15.66 0.42
N ALA A 93 -29.85 16.19 1.25
CA ALA A 93 -29.20 17.50 1.00
C ALA A 93 -27.69 17.37 1.13
N PRO A 94 -27.02 16.48 0.36
CA PRO A 94 -25.56 16.36 0.44
C PRO A 94 -24.88 17.57 -0.23
N ASP A 95 -25.64 18.27 -1.07
CA ASP A 95 -25.12 19.33 -1.98
C ASP A 95 -25.06 20.70 -1.28
N LYS A 96 -25.92 20.97 -0.30
CA LYS A 96 -26.03 22.34 0.28
C LYS A 96 -26.78 22.33 1.61
N ALA A 97 -26.59 23.40 2.40
CA ALA A 97 -27.40 23.70 3.60
C ALA A 97 -28.83 23.93 3.12
N ILE A 98 -29.80 23.27 3.74
CA ILE A 98 -31.20 23.22 3.27
C ILE A 98 -32.13 23.60 4.44
N THR A 99 -33.24 24.27 4.12
CA THR A 99 -34.33 24.60 5.07
C THR A 99 -35.34 23.45 5.02
N GLN A 100 -36.19 23.36 6.04
CA GLN A 100 -37.30 22.38 6.05
C GLN A 100 -38.12 22.52 4.76
N GLU A 101 -38.43 23.74 4.32
CA GLU A 101 -39.34 23.95 3.17
C GLU A 101 -38.68 23.44 1.89
N GLN A 102 -37.42 23.80 1.65
CA GLN A 102 -36.60 23.33 0.49
C GLN A 102 -36.53 21.78 0.50
N CYS A 103 -36.32 21.19 1.69
CA CYS A 103 -36.18 19.73 1.88
C CYS A 103 -37.48 19.04 1.46
N GLU A 104 -38.61 19.51 1.95
CA GLU A 104 -39.95 18.93 1.65
C GLU A 104 -40.29 19.16 0.17
N ALA A 105 -39.87 20.30 -0.41
CA ALA A 105 -40.07 20.66 -1.84
C ALA A 105 -39.31 19.67 -2.74
N ARG A 106 -38.31 18.99 -2.20
CA ARG A 106 -37.46 18.01 -2.93
C ARG A 106 -38.13 16.64 -2.91
N GLY A 107 -39.18 16.50 -2.09
CA GLY A 107 -39.85 15.22 -1.81
C GLY A 107 -39.12 14.47 -0.70
N CYS A 108 -38.39 15.18 0.15
CA CYS A 108 -37.62 14.57 1.25
C CYS A 108 -38.22 14.91 2.63
N CYS A 109 -37.83 14.12 3.63
CA CYS A 109 -38.29 14.15 5.03
C CYS A 109 -37.36 15.08 5.82
N TYR A 110 -37.93 15.96 6.64
CA TYR A 110 -37.14 16.90 7.48
C TYR A 110 -37.36 16.56 8.95
N ILE A 111 -36.35 15.97 9.60
CA ILE A 111 -36.44 15.64 11.05
C ILE A 111 -35.10 16.00 11.66
N PRO A 112 -35.04 17.06 12.50
CA PRO A 112 -33.77 17.41 13.14
C PRO A 112 -33.25 16.27 14.00
N ALA A 113 -31.94 16.03 13.95
CA ALA A 113 -31.22 15.17 14.90
C ALA A 113 -31.44 15.75 16.31
N LYS A 114 -31.41 14.91 17.34
CA LYS A 114 -31.73 15.33 18.72
C LYS A 114 -30.48 15.86 19.42
N GLN A 115 -29.33 15.79 18.74
CA GLN A 115 -28.07 16.41 19.22
C GLN A 115 -27.14 16.56 18.02
N GLY A 123 -22.61 14.51 10.43
CA GLY A 123 -23.53 13.84 11.38
C GLY A 123 -24.76 13.29 10.66
N GLN A 124 -25.73 12.80 11.42
CA GLN A 124 -27.03 12.31 10.92
C GLN A 124 -27.72 13.40 10.12
N PRO A 125 -28.20 13.11 8.89
CA PRO A 125 -28.79 14.15 8.05
C PRO A 125 -30.18 14.53 8.55
N TRP A 126 -30.50 15.82 8.55
CA TRP A 126 -31.82 16.35 8.96
C TRP A 126 -32.80 16.15 7.81
N CYS A 127 -32.30 16.29 6.59
CA CYS A 127 -33.08 16.13 5.33
C CYS A 127 -32.71 14.78 4.69
N PHE A 128 -33.65 13.85 4.64
CA PHE A 128 -33.37 12.46 4.19
C PHE A 128 -34.49 11.96 3.27
N PHE A 129 -34.13 10.94 2.49
CA PHE A 129 -35.06 10.30 1.53
C PHE A 129 -36.09 9.45 2.27
N PRO A 130 -37.40 9.63 1.94
CA PRO A 130 -38.40 8.64 2.32
C PRO A 130 -38.17 7.42 1.45
N PRO A 131 -38.70 6.25 1.86
CA PRO A 131 -38.58 5.02 1.07
C PRO A 131 -39.17 5.17 -0.34
N SER A 132 -40.11 6.11 -0.53
CA SER A 132 -40.83 6.34 -1.81
C SER A 132 -40.10 7.38 -2.67
N TYR A 133 -38.90 7.85 -2.29
CA TYR A 133 -38.21 8.89 -3.08
C TYR A 133 -37.92 8.29 -4.45
N PRO A 134 -38.16 9.03 -5.56
CA PRO A 134 -38.01 8.48 -6.90
C PRO A 134 -36.57 8.02 -7.17
N SER A 135 -36.44 6.80 -7.64
CA SER A 135 -35.16 6.17 -8.02
C SER A 135 -35.27 5.81 -9.49
N TYR A 136 -34.59 4.74 -9.90
CA TYR A 136 -34.72 4.16 -11.25
C TYR A 136 -35.61 2.94 -11.11
N LYS A 137 -36.29 2.59 -12.18
CA LYS A 137 -37.09 1.34 -12.28
C LYS A 137 -36.35 0.39 -13.22
N LEU A 138 -36.24 -0.87 -12.82
CA LEU A 138 -35.68 -1.94 -13.66
C LEU A 138 -36.70 -2.32 -14.74
N GLU A 139 -36.29 -2.36 -15.98
CA GLU A 139 -37.18 -2.84 -17.09
C GLU A 139 -36.40 -3.77 -18.00
N ASN A 140 -37.08 -4.75 -18.60
CA ASN A 140 -36.52 -5.62 -19.64
C ASN A 140 -35.25 -6.32 -19.13
N LEU A 141 -35.27 -6.81 -17.89
CA LEU A 141 -34.19 -7.70 -17.42
C LEU A 141 -34.15 -8.92 -18.34
N SER A 142 -32.96 -9.26 -18.82
CA SER A 142 -32.80 -10.43 -19.70
CA SER A 142 -32.74 -10.36 -19.78
C SER A 142 -31.52 -11.17 -19.34
N SER A 143 -31.54 -12.47 -19.58
CA SER A 143 -30.43 -13.37 -19.25
C SER A 143 -29.56 -13.48 -20.49
N SER A 144 -28.27 -13.21 -20.31
CA SER A 144 -27.19 -13.39 -21.32
C SER A 144 -26.33 -14.58 -20.89
N GLU A 145 -25.44 -15.03 -21.77
CA GLU A 145 -24.29 -15.89 -21.37
C GLU A 145 -23.37 -15.04 -20.48
N MET A 146 -23.02 -15.58 -19.31
CA MET A 146 -22.17 -14.92 -18.28
C MET A 146 -22.97 -13.93 -17.41
N GLY A 147 -24.23 -13.57 -17.71
CA GLY A 147 -25.06 -12.88 -16.71
C GLY A 147 -26.35 -12.24 -17.20
N TYR A 148 -26.52 -10.95 -16.91
CA TYR A 148 -27.81 -10.25 -17.09
C TYR A 148 -27.58 -8.86 -17.68
N THR A 149 -28.60 -8.39 -18.38
CA THR A 149 -28.67 -7.00 -18.88
CA THR A 149 -28.67 -7.00 -18.88
C THR A 149 -30.08 -6.45 -18.61
N ALA A 150 -30.18 -5.15 -18.41
CA ALA A 150 -31.47 -4.50 -18.15
C ALA A 150 -31.37 -3.02 -18.49
N THR A 151 -32.53 -2.41 -18.64
CA THR A 151 -32.67 -0.94 -18.77
C THR A 151 -33.07 -0.43 -17.40
N LEU A 152 -32.56 0.73 -17.01
CA LEU A 152 -32.98 1.43 -15.79
C LEU A 152 -33.54 2.78 -16.23
N THR A 153 -34.72 3.13 -15.75
CA THR A 153 -35.40 4.37 -16.16
C THR A 153 -35.75 5.19 -14.93
N ARG A 154 -35.34 6.46 -14.94
CA ARG A 154 -35.77 7.47 -13.94
C ARG A 154 -36.85 8.34 -14.61
N THR A 155 -37.98 8.50 -13.95
CA THR A 155 -39.12 9.27 -14.51
C THR A 155 -39.17 10.64 -13.82
N THR A 156 -38.72 10.77 -12.57
CA THR A 156 -38.74 12.07 -11.85
C THR A 156 -37.32 12.58 -11.66
N PRO A 157 -36.97 13.78 -12.17
CA PRO A 157 -35.60 14.29 -12.06
C PRO A 157 -35.19 14.43 -10.59
N THR A 158 -33.89 14.33 -10.30
CA THR A 158 -33.30 14.68 -9.00
C THR A 158 -33.11 16.20 -8.92
N PHE A 159 -32.50 16.68 -7.82
CA PHE A 159 -32.13 18.09 -7.59
C PHE A 159 -30.77 18.40 -8.23
N PHE A 160 -30.11 17.42 -8.82
CA PHE A 160 -28.85 17.61 -9.58
C PHE A 160 -29.18 17.90 -11.04
N PRO A 161 -28.36 18.71 -11.73
CA PRO A 161 -28.49 18.91 -13.17
C PRO A 161 -28.07 17.67 -13.97
N LYS A 162 -28.66 17.50 -15.16
CA LYS A 162 -28.26 16.54 -16.21
C LYS A 162 -28.34 15.10 -15.70
N ASP A 163 -29.41 14.76 -14.99
CA ASP A 163 -29.79 13.34 -14.79
C ASP A 163 -29.71 12.64 -16.14
N ILE A 164 -29.20 11.41 -16.15
CA ILE A 164 -29.26 10.50 -17.32
C ILE A 164 -30.42 9.56 -17.08
N LEU A 165 -31.56 9.82 -17.72
CA LEU A 165 -32.86 9.20 -17.34
C LEU A 165 -32.90 7.72 -17.75
N THR A 166 -32.17 7.33 -18.79
CA THR A 166 -32.11 5.92 -19.25
C THR A 166 -30.68 5.42 -19.09
N LEU A 167 -30.51 4.33 -18.34
CA LEU A 167 -29.23 3.66 -18.08
C LEU A 167 -29.31 2.22 -18.57
N ARG A 168 -28.15 1.64 -18.83
CA ARG A 168 -28.01 0.20 -19.11
C ARG A 168 -27.29 -0.45 -17.94
N LEU A 169 -27.86 -1.56 -17.47
CA LEU A 169 -27.24 -2.43 -16.43
C LEU A 169 -26.68 -3.67 -17.11
N ASP A 170 -25.42 -3.99 -16.83
CA ASP A 170 -24.77 -5.26 -17.26
C ASP A 170 -24.22 -5.95 -16.01
N VAL A 171 -24.60 -7.21 -15.84
CA VAL A 171 -24.15 -8.06 -14.70
C VAL A 171 -23.41 -9.25 -15.30
N MET A 172 -22.14 -9.40 -14.92
CA MET A 172 -21.25 -10.46 -15.42
C MET A 172 -20.79 -11.34 -14.26
N MET A 173 -21.14 -12.62 -14.32
CA MET A 173 -20.76 -13.60 -13.28
C MET A 173 -19.41 -14.19 -13.71
N GLU A 174 -18.34 -13.47 -13.42
CA GLU A 174 -17.02 -13.66 -14.08
C GLU A 174 -16.31 -14.92 -13.57
N THR A 175 -16.26 -15.13 -12.27
CA THR A 175 -15.69 -16.35 -11.65
C THR A 175 -16.62 -16.79 -10.52
N GLU A 176 -16.32 -17.94 -9.89
CA GLU A 176 -17.08 -18.35 -8.67
C GLU A 176 -16.90 -17.33 -7.55
N ASN A 177 -15.84 -16.50 -7.57
CA ASN A 177 -15.53 -15.57 -6.45
C ASN A 177 -15.79 -14.11 -6.83
N ARG A 178 -15.90 -13.81 -8.12
CA ARG A 178 -15.95 -12.42 -8.62
C ARG A 178 -17.24 -12.16 -9.39
N LEU A 179 -18.03 -11.22 -8.90
CA LEU A 179 -19.24 -10.68 -9.59
C LEU A 179 -18.89 -9.25 -10.04
N HIS A 180 -19.29 -8.90 -11.25
CA HIS A 180 -18.98 -7.58 -11.84
C HIS A 180 -20.25 -7.01 -12.43
N PHE A 181 -20.61 -5.78 -12.08
CA PHE A 181 -21.72 -5.12 -12.80
C PHE A 181 -21.33 -3.68 -13.13
N THR A 182 -21.88 -3.22 -14.23
CA THR A 182 -21.73 -1.82 -14.69
C THR A 182 -23.10 -1.19 -14.85
N ILE A 183 -23.15 0.12 -14.64
CA ILE A 183 -24.30 0.99 -14.97
C ILE A 183 -23.75 2.15 -15.80
N LYS A 184 -24.18 2.21 -17.04
CA LYS A 184 -23.65 3.13 -18.08
C LYS A 184 -24.80 3.88 -18.75
N ASP A 185 -24.43 4.91 -19.49
CA ASP A 185 -25.34 5.61 -20.41
C ASP A 185 -25.26 4.91 -21.75
N PRO A 186 -26.33 4.21 -22.22
CA PRO A 186 -26.27 3.52 -23.51
C PRO A 186 -26.22 4.47 -24.73
N ALA A 187 -26.51 5.76 -24.54
CA ALA A 187 -26.56 6.74 -25.64
C ALA A 187 -25.23 7.51 -25.76
N ASN A 188 -24.32 7.42 -24.78
CA ASN A 188 -23.06 8.20 -24.82
C ASN A 188 -21.95 7.41 -24.13
N ARG A 189 -20.81 7.28 -24.78
CA ARG A 189 -19.57 6.77 -24.16
C ARG A 189 -19.19 7.79 -23.09
N ARG A 190 -19.17 7.36 -21.83
CA ARG A 190 -18.72 8.21 -20.70
C ARG A 190 -17.29 7.84 -20.37
N TYR A 191 -16.59 8.69 -19.64
CA TYR A 191 -15.22 8.40 -19.19
C TYR A 191 -15.22 7.07 -18.41
N GLU A 192 -14.22 6.23 -18.70
CA GLU A 192 -13.96 4.96 -18.00
C GLU A 192 -12.47 4.84 -17.73
N VAL A 193 -12.13 4.36 -16.55
CA VAL A 193 -10.71 4.25 -16.13
C VAL A 193 -10.02 3.30 -17.09
N PRO A 194 -8.89 3.71 -17.69
CA PRO A 194 -8.13 2.83 -18.60
C PRO A 194 -7.29 1.75 -17.89
N ALA A 204 -19.26 -28.61 -4.71
CA ALA A 204 -20.36 -28.42 -5.69
C ALA A 204 -20.07 -27.19 -6.55
N PRO A 205 -20.10 -27.30 -7.89
CA PRO A 205 -19.79 -26.18 -8.77
C PRO A 205 -20.91 -25.14 -8.78
N SER A 206 -20.64 -23.96 -8.20
CA SER A 206 -21.61 -22.84 -8.10
C SER A 206 -20.82 -21.64 -7.61
N PRO A 207 -21.19 -20.40 -7.99
CA PRO A 207 -20.52 -19.23 -7.45
C PRO A 207 -20.79 -19.13 -5.95
N LEU A 208 -19.92 -18.41 -5.24
CA LEU A 208 -20.09 -18.15 -3.79
C LEU A 208 -21.21 -17.14 -3.56
N TYR A 209 -21.63 -16.43 -4.60
CA TYR A 209 -22.64 -15.34 -4.52
C TYR A 209 -23.92 -15.80 -5.20
N SER A 210 -25.04 -15.19 -4.80
CA SER A 210 -26.28 -15.19 -5.61
C SER A 210 -26.68 -13.73 -5.78
N VAL A 211 -27.30 -13.42 -6.91
CA VAL A 211 -27.71 -12.02 -7.21
C VAL A 211 -29.20 -12.01 -7.49
N GLU A 212 -29.89 -11.02 -6.94
CA GLU A 212 -31.31 -10.76 -7.31
C GLU A 212 -31.49 -9.24 -7.41
N PHE A 213 -32.62 -8.80 -7.91
CA PHE A 213 -32.82 -7.36 -8.22
C PHE A 213 -34.15 -6.92 -7.66
N SER A 214 -34.16 -5.75 -7.07
CA SER A 214 -35.39 -4.99 -6.79
C SER A 214 -35.78 -4.24 -8.06
N GLU A 215 -37.06 -4.26 -8.40
CA GLU A 215 -37.62 -3.65 -9.64
C GLU A 215 -37.77 -2.13 -9.44
N GLU A 216 -38.45 -1.72 -8.38
CA GLU A 216 -38.83 -0.30 -8.16
C GLU A 216 -39.03 -0.09 -6.66
N PRO A 217 -38.12 0.58 -5.93
CA PRO A 217 -36.91 1.19 -6.50
C PRO A 217 -35.86 0.15 -6.86
N PHE A 218 -35.09 0.43 -7.90
CA PHE A 218 -34.07 -0.50 -8.43
C PHE A 218 -33.01 -0.75 -7.37
N GLY A 219 -32.61 -2.01 -7.24
CA GLY A 219 -31.42 -2.35 -6.44
C GLY A 219 -30.79 -3.66 -6.85
N VAL A 220 -29.50 -3.77 -6.60
CA VAL A 220 -28.77 -5.05 -6.77
C VAL A 220 -28.63 -5.65 -5.37
N ILE A 221 -29.00 -6.93 -5.23
CA ILE A 221 -28.90 -7.65 -3.94
C ILE A 221 -27.96 -8.84 -4.14
N VAL A 222 -26.86 -8.87 -3.42
CA VAL A 222 -25.87 -9.98 -3.47
C VAL A 222 -25.89 -10.66 -2.10
N HIS A 223 -26.20 -11.96 -2.11
CA HIS A 223 -26.13 -12.85 -0.94
C HIS A 223 -24.85 -13.69 -1.01
N ARG A 224 -24.24 -13.98 0.14
CA ARG A 224 -23.34 -15.15 0.29
C ARG A 224 -24.20 -16.41 0.25
N GLN A 225 -23.97 -17.30 -0.72
CA GLN A 225 -24.81 -18.50 -0.95
C GLN A 225 -24.75 -19.40 0.29
N LEU A 226 -23.57 -19.53 0.90
CA LEU A 226 -23.32 -20.58 1.93
C LEU A 226 -24.22 -20.33 3.14
N ASP A 227 -24.37 -19.09 3.60
CA ASP A 227 -25.11 -18.76 4.85
C ASP A 227 -26.26 -17.76 4.62
N GLY A 228 -26.53 -17.37 3.38
CA GLY A 228 -27.62 -16.42 3.04
C GLY A 228 -27.35 -14.97 3.47
N ARG A 229 -26.14 -14.61 3.93
CA ARG A 229 -25.91 -13.24 4.46
C ARG A 229 -26.02 -12.24 3.28
N VAL A 230 -26.69 -11.11 3.52
CA VAL A 230 -26.81 -10.00 2.53
C VAL A 230 -25.51 -9.19 2.62
N LEU A 231 -24.76 -9.15 1.53
CA LEU A 231 -23.43 -8.49 1.41
C LEU A 231 -23.62 -7.13 0.75
N LEU A 232 -24.33 -7.11 -0.38
CA LEU A 232 -24.70 -5.86 -1.09
C LEU A 232 -26.22 -5.76 -1.19
N ASN A 233 -26.75 -4.56 -0.97
CA ASN A 233 -28.20 -4.30 -1.19
C ASN A 233 -28.36 -2.83 -1.54
N THR A 234 -28.40 -2.51 -2.83
CA THR A 234 -28.36 -1.09 -3.28
C THR A 234 -29.78 -0.51 -3.29
N THR A 235 -30.78 -1.28 -2.80
CA THR A 235 -32.19 -0.79 -2.71
C THR A 235 -32.33 0.19 -1.56
N VAL A 236 -31.36 0.23 -0.63
CA VAL A 236 -31.45 0.98 0.65
C VAL A 236 -31.58 2.48 0.38
N ALA A 237 -31.10 2.97 -0.76
CA ALA A 237 -31.18 4.41 -1.08
C ALA A 237 -31.36 4.58 -2.58
N PRO A 238 -31.80 5.76 -3.05
CA PRO A 238 -32.02 5.98 -4.47
C PRO A 238 -30.71 5.83 -5.25
N LEU A 239 -30.80 5.39 -6.49
CA LEU A 239 -29.68 5.50 -7.45
C LEU A 239 -29.73 6.92 -8.05
N PHE A 240 -28.64 7.66 -7.94
CA PHE A 240 -28.43 8.95 -8.63
C PHE A 240 -27.43 8.69 -9.75
N PHE A 241 -27.75 9.15 -10.96
CA PHE A 241 -26.80 9.01 -12.09
C PHE A 241 -26.98 10.26 -12.95
N ALA A 242 -26.29 11.34 -12.57
CA ALA A 242 -26.25 12.59 -13.33
C ALA A 242 -24.85 12.75 -13.92
N ASP A 243 -24.70 13.68 -14.86
CA ASP A 243 -23.43 13.84 -15.60
C ASP A 243 -22.24 14.01 -14.63
N GLN A 244 -22.41 14.77 -13.55
CA GLN A 244 -21.32 15.03 -12.57
C GLN A 244 -21.76 14.62 -11.17
N PHE A 245 -22.62 13.60 -11.04
CA PHE A 245 -22.98 13.06 -9.71
C PHE A 245 -23.57 11.66 -9.84
N LEU A 246 -22.81 10.69 -9.34
CA LEU A 246 -23.25 9.27 -9.24
C LEU A 246 -23.38 8.97 -7.75
N GLN A 247 -24.46 8.35 -7.34
CA GLN A 247 -24.57 7.88 -5.95
C GLN A 247 -25.20 6.48 -5.97
N LEU A 248 -24.46 5.54 -5.44
CA LEU A 248 -24.91 4.15 -5.20
C LEU A 248 -24.68 3.84 -3.72
N SER A 249 -25.68 3.31 -3.04
CA SER A 249 -25.55 2.97 -1.60
C SER A 249 -25.71 1.47 -1.42
N THR A 250 -25.31 0.96 -0.26
CA THR A 250 -25.55 -0.42 0.16
C THR A 250 -25.63 -0.49 1.67
N SER A 251 -26.32 -1.51 2.18
CA SER A 251 -26.14 -2.01 3.54
C SER A 251 -24.72 -2.60 3.62
N LEU A 252 -24.12 -2.53 4.81
CA LEU A 252 -22.88 -3.28 5.14
C LEU A 252 -23.26 -4.44 6.06
N PRO A 253 -22.51 -5.56 6.02
CA PRO A 253 -22.88 -6.73 6.82
C PRO A 253 -22.51 -6.62 8.32
N SER A 254 -21.69 -5.62 8.66
CA SER A 254 -21.15 -5.40 10.03
C SER A 254 -20.66 -3.98 10.15
N GLN A 255 -20.21 -3.60 11.34
CA GLN A 255 -19.59 -2.29 11.62
C GLN A 255 -18.09 -2.30 11.27
N TYR A 256 -17.59 -3.39 10.67
CA TYR A 256 -16.14 -3.59 10.45
C TYR A 256 -15.85 -3.52 8.95
N ILE A 257 -15.20 -2.42 8.57
CA ILE A 257 -14.86 -2.13 7.16
C ILE A 257 -13.48 -1.46 7.12
N THR A 258 -12.66 -1.85 6.15
CA THR A 258 -11.29 -1.32 5.97
C THR A 258 -11.07 -1.01 4.50
N GLY A 259 -10.29 0.03 4.20
CA GLY A 259 -9.89 0.38 2.85
C GLY A 259 -10.00 1.88 2.60
N LEU A 260 -10.28 2.26 1.36
CA LEU A 260 -10.58 3.65 0.95
C LEU A 260 -9.42 4.56 1.34
N ALA A 261 -8.19 4.16 1.03
CA ALA A 261 -6.97 4.99 1.15
C ALA A 261 -7.10 6.21 0.24
N GLU A 262 -6.34 7.27 0.51
CA GLU A 262 -5.32 7.35 1.53
C GLU A 262 -5.76 8.34 2.60
N HIS A 263 -5.88 7.88 3.82
CA HIS A 263 -6.29 8.70 4.98
C HIS A 263 -5.50 8.24 6.20
N LEU A 264 -5.32 9.15 7.14
CA LEU A 264 -4.70 8.85 8.45
C LEU A 264 -5.84 8.47 9.39
N SER A 265 -6.03 7.18 9.61
CA SER A 265 -7.13 6.68 10.46
C SER A 265 -6.81 5.29 10.97
N PRO A 266 -7.59 4.78 11.94
CA PRO A 266 -7.53 3.36 12.30
C PRO A 266 -7.73 2.46 11.08
N LEU A 267 -7.17 1.24 11.12
CA LEU A 267 -7.36 0.29 10.01
C LEU A 267 -8.86 0.08 9.77
N MET A 268 -9.64 -0.13 10.84
CA MET A 268 -11.12 -0.27 10.78
C MET A 268 -11.74 1.14 10.78
N LEU A 269 -12.47 1.47 9.72
CA LEU A 269 -13.02 2.83 9.51
C LEU A 269 -14.22 3.03 10.44
N SER A 270 -14.41 4.26 10.92
CA SER A 270 -15.58 4.63 11.74
C SER A 270 -16.84 4.69 10.85
N THR A 271 -17.91 4.03 11.27
CA THR A 271 -19.21 4.08 10.56
C THR A 271 -20.09 5.19 11.14
N SER A 272 -19.55 6.10 11.96
CA SER A 272 -20.34 7.13 12.69
C SER A 272 -20.48 8.38 11.83
N TRP A 273 -21.14 8.29 10.67
CA TRP A 273 -21.37 9.45 9.77
C TRP A 273 -20.04 10.02 9.30
N THR A 274 -19.19 9.17 8.74
CA THR A 274 -17.82 9.52 8.31
C THR A 274 -17.84 9.80 6.81
N ARG A 275 -17.29 10.93 6.39
CA ARG A 275 -17.12 11.28 4.96
C ARG A 275 -15.65 11.08 4.59
N ILE A 276 -15.36 10.09 3.74
CA ILE A 276 -13.97 9.77 3.28
C ILE A 276 -13.83 10.29 1.86
N THR A 277 -12.90 11.22 1.64
CA THR A 277 -12.73 11.92 0.35
C THR A 277 -11.54 11.34 -0.40
N LEU A 278 -11.77 10.94 -1.64
CA LEU A 278 -10.71 10.46 -2.56
C LEU A 278 -10.45 11.54 -3.61
N TRP A 279 -9.38 12.30 -3.40
CA TRP A 279 -8.90 13.36 -4.32
C TRP A 279 -7.43 13.62 -4.00
N ASN A 280 -6.55 13.11 -4.85
CA ASN A 280 -5.12 13.07 -4.55
C ASN A 280 -4.68 14.50 -4.23
N ARG A 281 -3.99 14.67 -3.10
CA ARG A 281 -3.70 16.00 -2.53
C ARG A 281 -2.36 15.95 -1.78
N ASP A 282 -1.50 16.92 -2.08
CA ASP A 282 -0.26 17.17 -1.31
C ASP A 282 -0.65 17.84 0.01
N LEU A 283 -0.69 17.05 1.08
CA LEU A 283 -0.89 17.57 2.45
C LEU A 283 -0.16 16.65 3.44
N ALA A 284 0.50 17.22 4.43
CA ALA A 284 1.14 16.40 5.49
C ALA A 284 0.06 15.56 6.15
N PRO A 285 0.24 14.22 6.29
CA PRO A 285 -0.80 13.38 6.87
C PRO A 285 -1.37 13.92 8.19
N THR A 286 -2.69 14.06 8.19
CA THR A 286 -3.52 14.51 9.32
C THR A 286 -4.88 13.86 9.15
N PRO A 287 -5.61 13.53 10.25
CA PRO A 287 -6.92 12.87 10.14
C PRO A 287 -8.00 13.72 9.44
N GLY A 288 -8.94 13.06 8.77
CA GLY A 288 -10.13 13.70 8.16
C GLY A 288 -9.85 14.34 6.81
N ALA A 289 -8.65 14.18 6.26
CA ALA A 289 -8.18 14.89 5.04
C ALA A 289 -7.94 13.88 3.89
N ASN A 290 -8.25 14.29 2.67
CA ASN A 290 -7.82 13.60 1.43
C ASN A 290 -6.30 13.74 1.31
N LEU A 291 -5.56 12.62 1.31
CA LEU A 291 -4.09 12.66 1.17
C LEU A 291 -3.71 12.24 -0.24
N TYR A 292 -2.50 11.73 -0.39
CA TYR A 292 -1.79 11.74 -1.69
C TYR A 292 -2.44 10.77 -2.70
N GLY A 293 -3.10 9.71 -2.23
CA GLY A 293 -3.60 8.63 -3.10
C GLY A 293 -5.09 8.34 -2.87
N SER A 294 -5.68 7.55 -3.76
CA SER A 294 -7.12 7.21 -3.81
C SER A 294 -7.27 5.75 -4.21
N HIS A 295 -7.86 4.95 -3.33
CA HIS A 295 -8.08 3.51 -3.56
C HIS A 295 -9.54 3.20 -3.22
N PRO A 296 -10.43 3.22 -4.23
CA PRO A 296 -11.86 3.02 -4.00
C PRO A 296 -12.23 1.54 -3.85
N PHE A 297 -11.65 0.92 -2.84
CA PHE A 297 -11.86 -0.50 -2.47
C PHE A 297 -12.13 -0.56 -0.97
N TYR A 298 -13.09 -1.39 -0.59
CA TYR A 298 -13.23 -1.76 0.83
C TYR A 298 -13.32 -3.28 0.96
N LEU A 299 -12.95 -3.72 2.16
CA LEU A 299 -13.11 -5.11 2.65
C LEU A 299 -14.00 -5.02 3.89
N ALA A 300 -15.09 -5.78 3.87
CA ALA A 300 -16.12 -5.77 4.95
C ALA A 300 -16.08 -7.14 5.64
N LEU A 301 -15.95 -7.14 6.95
CA LEU A 301 -15.98 -8.41 7.72
C LEU A 301 -17.44 -8.78 8.03
N GLU A 302 -17.67 -10.08 8.18
CA GLU A 302 -18.99 -10.67 8.46
C GLU A 302 -18.85 -11.46 9.76
N ASP A 303 -19.90 -11.45 10.59
CA ASP A 303 -19.97 -12.26 11.84
C ASP A 303 -19.53 -13.69 11.52
N GLY A 304 -18.55 -14.22 12.24
CA GLY A 304 -18.07 -15.59 12.01
C GLY A 304 -16.72 -15.61 11.33
N GLY A 305 -16.32 -14.50 10.70
CA GLY A 305 -14.96 -14.35 10.17
C GLY A 305 -14.85 -14.46 8.66
N SER A 306 -15.96 -14.52 7.94
CA SER A 306 -15.92 -14.43 6.46
C SER A 306 -15.88 -12.93 6.10
N ALA A 307 -15.57 -12.63 4.85
CA ALA A 307 -15.40 -11.24 4.38
C ALA A 307 -15.70 -11.20 2.88
N HIS A 308 -15.98 -10.00 2.39
CA HIS A 308 -16.09 -9.73 0.95
C HIS A 308 -15.44 -8.36 0.71
N GLY A 309 -15.12 -8.10 -0.54
CA GLY A 309 -14.53 -6.82 -0.96
C GLY A 309 -15.37 -6.21 -2.06
N VAL A 310 -15.37 -4.89 -2.13
CA VAL A 310 -16.04 -4.14 -3.21
C VAL A 310 -15.03 -3.13 -3.75
N PHE A 311 -14.88 -3.14 -5.06
CA PHE A 311 -14.05 -2.18 -5.83
C PHE A 311 -14.99 -1.37 -6.72
N LEU A 312 -14.98 -0.04 -6.58
CA LEU A 312 -15.62 0.85 -7.57
C LEU A 312 -14.52 1.37 -8.51
N LEU A 313 -14.53 0.94 -9.77
CA LEU A 313 -13.48 1.31 -10.76
C LEU A 313 -13.84 2.68 -11.31
N ASN A 314 -13.55 3.70 -10.51
CA ASN A 314 -13.93 5.10 -10.80
C ASN A 314 -12.82 6.01 -10.26
N SER A 315 -12.23 6.84 -11.12
CA SER A 315 -11.05 7.68 -10.76
C SER A 315 -11.48 9.14 -10.54
N ASN A 316 -12.77 9.45 -10.51
CA ASN A 316 -13.23 10.84 -10.26
C ASN A 316 -13.07 11.19 -8.79
N ALA A 317 -13.04 12.49 -8.49
CA ALA A 317 -13.18 12.99 -7.10
C ALA A 317 -14.43 12.34 -6.50
N MET A 318 -14.31 11.72 -5.34
CA MET A 318 -15.48 11.09 -4.70
C MET A 318 -15.46 11.22 -3.19
N ASP A 319 -16.66 11.20 -2.63
CA ASP A 319 -16.90 11.02 -1.19
C ASP A 319 -17.43 9.60 -1.03
N VAL A 320 -17.00 8.94 0.04
CA VAL A 320 -17.63 7.69 0.51
C VAL A 320 -18.15 7.96 1.91
N VAL A 321 -19.47 7.84 2.09
CA VAL A 321 -20.13 8.21 3.36
C VAL A 321 -20.57 6.93 4.08
N LEU A 322 -20.11 6.75 5.31
CA LEU A 322 -20.38 5.54 6.12
C LEU A 322 -21.33 5.96 7.23
N GLN A 323 -22.38 5.20 7.48
CA GLN A 323 -23.35 5.53 8.54
C GLN A 323 -23.62 4.28 9.37
N PRO A 324 -24.11 4.46 10.61
CA PRO A 324 -24.07 3.39 11.61
C PRO A 324 -25.14 2.30 11.50
N SER A 325 -25.97 2.31 10.46
CA SER A 325 -27.08 1.33 10.29
C SER A 325 -26.61 -0.12 10.31
N PRO A 326 -25.48 -0.60 9.72
CA PRO A 326 -24.49 0.17 8.96
C PRO A 326 -24.70 0.15 7.44
N ALA A 327 -24.22 1.19 6.75
CA ALA A 327 -24.39 1.35 5.30
C ALA A 327 -23.29 2.28 4.78
N LEU A 328 -23.12 2.26 3.47
CA LEU A 328 -22.10 3.03 2.73
C LEU A 328 -22.78 3.64 1.50
N SER A 329 -22.36 4.86 1.14
CA SER A 329 -22.76 5.50 -0.13
C SER A 329 -21.49 5.90 -0.87
N TRP A 330 -21.36 5.44 -2.11
CA TRP A 330 -20.35 5.97 -3.05
C TRP A 330 -20.95 7.24 -3.66
N ARG A 331 -20.24 8.34 -3.63
CA ARG A 331 -20.68 9.58 -4.29
C ARG A 331 -19.54 10.08 -5.18
N SER A 332 -19.65 9.85 -6.48
CA SER A 332 -18.61 10.22 -7.46
C SER A 332 -19.07 11.41 -8.28
N THR A 333 -18.11 12.16 -8.79
CA THR A 333 -18.39 13.39 -9.56
C THR A 333 -18.30 13.11 -11.06
N GLY A 334 -18.11 11.86 -11.48
CA GLY A 334 -18.17 11.58 -12.92
C GLY A 334 -18.05 10.12 -13.25
N GLY A 335 -17.78 9.85 -14.52
CA GLY A 335 -17.53 8.48 -15.01
C GLY A 335 -18.78 7.62 -14.93
N ILE A 336 -18.59 6.34 -14.65
CA ILE A 336 -19.71 5.35 -14.62
C ILE A 336 -19.63 4.55 -13.32
N LEU A 337 -20.66 3.75 -13.06
CA LEU A 337 -20.59 2.77 -11.95
C LEU A 337 -20.10 1.44 -12.52
N ASP A 338 -18.87 1.10 -12.14
CA ASP A 338 -18.18 -0.14 -12.54
C ASP A 338 -17.80 -0.86 -11.25
N VAL A 339 -18.57 -1.88 -10.90
CA VAL A 339 -18.53 -2.43 -9.51
C VAL A 339 -18.12 -3.89 -9.55
N TYR A 340 -17.08 -4.23 -8.78
CA TYR A 340 -16.66 -5.62 -8.55
C TYR A 340 -16.96 -6.01 -7.12
N ILE A 341 -17.49 -7.22 -6.93
CA ILE A 341 -17.69 -7.81 -5.59
C ILE A 341 -16.87 -9.10 -5.52
N PHE A 342 -16.04 -9.22 -4.49
CA PHE A 342 -15.13 -10.37 -4.29
C PHE A 342 -15.63 -11.13 -3.07
N LEU A 343 -15.85 -12.44 -3.23
CA LEU A 343 -16.62 -13.21 -2.21
C LEU A 343 -15.74 -13.89 -1.16
N GLY A 344 -14.42 -13.83 -1.27
CA GLY A 344 -13.56 -14.45 -0.24
C GLY A 344 -13.69 -15.97 -0.26
N PRO A 345 -14.17 -16.65 0.82
CA PRO A 345 -14.70 -15.99 2.02
C PRO A 345 -13.67 -15.50 3.05
N GLU A 346 -12.43 -15.99 2.99
CA GLU A 346 -11.34 -15.55 3.90
C GLU A 346 -10.90 -14.14 3.49
N PRO A 347 -10.62 -13.23 4.45
CA PRO A 347 -10.04 -11.93 4.12
C PRO A 347 -8.81 -12.01 3.20
N LYS A 348 -7.93 -13.00 3.38
CA LYS A 348 -6.72 -13.10 2.53
C LYS A 348 -7.15 -13.41 1.09
N SER A 349 -8.23 -14.18 0.93
CA SER A 349 -8.80 -14.53 -0.39
C SER A 349 -9.47 -13.30 -1.02
N VAL A 350 -10.13 -12.46 -0.22
CA VAL A 350 -10.74 -11.21 -0.75
C VAL A 350 -9.61 -10.37 -1.37
N VAL A 351 -8.54 -10.16 -0.62
CA VAL A 351 -7.39 -9.34 -1.12
C VAL A 351 -6.84 -9.98 -2.39
N GLN A 352 -6.56 -11.27 -2.38
CA GLN A 352 -6.01 -11.91 -3.61
C GLN A 352 -6.98 -11.73 -4.80
N GLN A 353 -8.28 -11.86 -4.56
CA GLN A 353 -9.32 -11.72 -5.62
C GLN A 353 -9.35 -10.29 -6.16
N TYR A 354 -9.20 -9.31 -5.29
CA TYR A 354 -9.11 -7.89 -5.71
C TYR A 354 -7.88 -7.72 -6.58
N LEU A 355 -6.75 -8.29 -6.16
CA LEU A 355 -5.45 -8.09 -6.86
C LEU A 355 -5.45 -8.85 -8.19
N ASP A 356 -6.31 -9.85 -8.34
CA ASP A 356 -6.53 -10.56 -9.62
CA ASP A 356 -6.52 -10.56 -9.63
C ASP A 356 -7.09 -9.59 -10.68
N VAL A 357 -7.78 -8.54 -10.25
CA VAL A 357 -8.33 -7.51 -11.17
C VAL A 357 -7.31 -6.40 -11.36
N VAL A 358 -6.77 -5.82 -10.28
CA VAL A 358 -5.94 -4.58 -10.38
C VAL A 358 -4.46 -4.91 -10.63
N GLY A 359 -4.02 -6.14 -10.33
CA GLY A 359 -2.64 -6.56 -10.58
C GLY A 359 -1.98 -7.03 -9.31
N TYR A 360 -1.25 -8.13 -9.39
CA TYR A 360 -0.38 -8.60 -8.28
C TYR A 360 0.78 -7.62 -8.11
N PRO A 361 1.23 -7.39 -6.86
CA PRO A 361 2.41 -6.59 -6.58
C PRO A 361 3.63 -6.98 -7.42
N PHE A 362 4.36 -5.98 -7.88
CA PHE A 362 5.64 -6.18 -8.61
C PHE A 362 6.64 -6.81 -7.64
N MET A 363 7.61 -7.55 -8.18
CA MET A 363 8.70 -8.13 -7.37
C MET A 363 9.82 -7.09 -7.29
N PRO A 364 10.16 -6.61 -6.07
CA PRO A 364 11.27 -5.67 -5.94
C PRO A 364 12.60 -6.39 -6.11
N PRO A 365 13.66 -5.66 -6.45
CA PRO A 365 15.01 -6.21 -6.33
C PRO A 365 15.30 -6.47 -4.85
N TYR A 366 16.16 -7.44 -4.56
CA TYR A 366 16.53 -7.83 -3.17
C TYR A 366 17.09 -6.62 -2.43
N TRP A 367 17.93 -5.83 -3.09
CA TRP A 367 18.61 -4.67 -2.47
C TRP A 367 17.57 -3.66 -2.00
N GLY A 368 16.42 -3.58 -2.66
CA GLY A 368 15.36 -2.63 -2.29
C GLY A 368 14.79 -2.93 -0.91
N LEU A 369 15.06 -4.11 -0.35
CA LEU A 369 14.57 -4.51 0.99
C LEU A 369 15.60 -4.14 2.06
N GLY A 370 16.77 -3.68 1.65
CA GLY A 370 17.81 -3.23 2.58
C GLY A 370 17.45 -1.86 3.14
N PHE A 371 18.31 -1.30 4.00
CA PHE A 371 18.08 0.02 4.60
C PHE A 371 18.41 1.11 3.57
N HIS A 372 17.51 2.10 3.47
CA HIS A 372 17.63 3.32 2.66
C HIS A 372 17.81 4.53 3.60
N LEU A 373 18.65 5.48 3.22
CA LEU A 373 18.93 6.66 4.07
C LEU A 373 18.95 7.90 3.20
N CYS A 374 18.17 8.91 3.60
CA CYS A 374 17.95 10.12 2.80
C CYS A 374 17.77 11.31 3.74
N ARG A 375 18.07 12.51 3.26
CA ARG A 375 17.44 13.72 3.80
C ARG A 375 17.47 14.79 2.71
N TRP A 376 16.65 15.81 2.93
CA TRP A 376 16.82 17.11 2.25
C TRP A 376 17.86 17.90 3.05
N GLY A 377 19.02 18.18 2.46
CA GLY A 377 20.13 18.87 3.15
C GLY A 377 21.47 18.19 2.99
N TYR A 378 21.57 17.03 2.34
CA TYR A 378 22.88 16.44 1.91
C TYR A 378 23.32 17.23 0.66
N SER A 379 23.93 18.39 0.88
CA SER A 379 24.03 19.49 -0.10
C SER A 379 25.30 19.40 -0.96
N SER A 380 26.05 18.31 -0.85
CA SER A 380 27.25 18.06 -1.69
C SER A 380 27.51 16.56 -1.78
N THR A 381 28.30 16.14 -2.77
CA THR A 381 28.79 14.74 -2.84
C THR A 381 29.65 14.45 -1.61
N ALA A 382 30.41 15.43 -1.13
CA ALA A 382 31.32 15.23 0.03
C ALA A 382 30.47 14.87 1.25
N ILE A 383 29.40 15.62 1.49
CA ILE A 383 28.48 15.36 2.64
C ILE A 383 27.80 14.00 2.44
N THR A 384 27.35 13.71 1.22
CA THR A 384 26.60 12.45 0.93
C THR A 384 27.54 11.27 1.17
N ARG A 385 28.80 11.35 0.73
CA ARG A 385 29.79 10.28 0.94
C ARG A 385 30.03 10.08 2.44
N GLN A 386 30.06 11.17 3.21
CA GLN A 386 30.28 11.13 4.67
C GLN A 386 29.16 10.36 5.37
N VAL A 387 27.95 10.36 4.80
CA VAL A 387 26.81 9.61 5.39
C VAL A 387 27.17 8.13 5.34
N VAL A 388 27.58 7.65 4.18
CA VAL A 388 27.97 6.21 4.00
C VAL A 388 29.18 5.88 4.89
N GLU A 389 30.19 6.75 4.89
CA GLU A 389 31.39 6.58 5.76
C GLU A 389 30.97 6.44 7.22
N ASN A 390 30.11 7.34 7.69
CA ASN A 390 29.66 7.39 9.11
C ASN A 390 28.83 6.15 9.43
N MET A 391 27.97 5.69 8.52
CA MET A 391 27.14 4.48 8.79
C MET A 391 28.10 3.28 8.90
N THR A 392 29.06 3.22 8.00
CA THR A 392 30.00 2.07 7.88
C THR A 392 30.89 2.03 9.13
N ARG A 393 31.47 3.16 9.51
CA ARG A 393 32.35 3.28 10.73
C ARG A 393 31.61 2.69 11.95
N ALA A 394 30.30 2.92 12.08
CA ALA A 394 29.49 2.55 13.26
C ALA A 394 28.75 1.21 13.04
N HIS A 395 29.14 0.45 12.02
CA HIS A 395 28.63 -0.91 11.70
C HIS A 395 27.11 -0.88 11.47
N PHE A 396 26.60 0.15 10.82
CA PHE A 396 25.16 0.24 10.43
C PHE A 396 25.02 -0.21 8.98
N PRO A 397 24.22 -1.26 8.72
CA PRO A 397 23.88 -1.64 7.35
C PRO A 397 23.21 -0.49 6.59
N LEU A 398 23.61 -0.31 5.34
CA LEU A 398 23.01 0.67 4.40
C LEU A 398 23.14 0.12 2.98
N ASP A 399 22.02 -0.22 2.33
CA ASP A 399 22.05 -0.71 0.94
C ASP A 399 22.00 0.47 -0.03
N VAL A 400 21.26 1.52 0.30
CA VAL A 400 20.93 2.55 -0.72
C VAL A 400 21.10 3.94 -0.12
N GLN A 401 21.94 4.74 -0.75
CA GLN A 401 22.08 6.17 -0.43
C GLN A 401 21.16 6.96 -1.36
N TRP A 402 20.46 7.95 -0.81
CA TRP A 402 19.47 8.78 -1.54
C TRP A 402 19.94 10.24 -1.52
N ASN A 403 19.52 11.00 -2.51
CA ASN A 403 19.51 12.49 -2.44
C ASN A 403 18.12 13.02 -2.75
N ASP A 404 17.78 14.10 -2.08
CA ASP A 404 16.59 14.93 -2.33
C ASP A 404 17.00 15.99 -3.37
N LEU A 405 16.34 17.16 -3.36
CA LEU A 405 16.48 18.21 -4.38
C LEU A 405 17.92 18.73 -4.45
N ASP A 406 18.72 18.55 -3.39
CA ASP A 406 20.12 19.03 -3.31
C ASP A 406 20.89 18.78 -4.61
N TYR A 407 20.77 17.62 -5.26
CA TYR A 407 21.67 17.25 -6.39
C TYR A 407 21.42 18.15 -7.59
N MET A 408 20.21 18.70 -7.73
CA MET A 408 19.77 19.30 -9.02
C MET A 408 20.45 20.64 -9.26
N ASP A 409 20.47 21.05 -10.53
CA ASP A 409 20.77 22.45 -10.91
C ASP A 409 19.49 23.29 -10.81
N SER A 410 19.41 24.22 -9.83
CA SER A 410 18.25 25.14 -9.64
C SER A 410 16.96 24.32 -9.53
N ARG A 411 17.04 23.15 -8.89
CA ARG A 411 15.89 22.28 -8.53
C ARG A 411 15.17 21.81 -9.80
N ARG A 412 15.92 21.53 -10.86
CA ARG A 412 15.37 21.00 -12.13
C ARG A 412 15.71 19.51 -12.29
N ASP A 413 14.72 18.72 -12.71
CA ASP A 413 14.89 17.30 -13.09
C ASP A 413 16.00 17.16 -14.15
N PHE A 414 16.72 16.04 -14.11
CA PHE A 414 17.66 15.60 -15.17
C PHE A 414 18.80 16.62 -15.32
N THR A 415 19.18 17.25 -14.21
CA THR A 415 20.38 18.11 -14.09
C THR A 415 21.11 17.74 -12.80
N PHE A 416 22.35 18.18 -12.67
CA PHE A 416 23.06 18.19 -11.37
C PHE A 416 23.91 19.46 -11.32
N ASN A 417 23.95 20.12 -10.16
CA ASN A 417 24.69 21.39 -10.04
C ASN A 417 26.19 21.11 -10.12
N LYS A 418 26.97 22.12 -10.52
CA LYS A 418 28.45 21.99 -10.71
C LYS A 418 29.16 22.67 -9.54
N ASP A 419 28.46 22.81 -8.42
CA ASP A 419 29.03 23.27 -7.12
C ASP A 419 29.25 22.02 -6.24
N GLY A 420 28.32 21.74 -5.34
CA GLY A 420 28.39 20.56 -4.45
C GLY A 420 28.37 19.24 -5.20
N PHE A 421 27.77 19.19 -6.40
CA PHE A 421 27.51 17.90 -7.11
C PHE A 421 28.27 17.84 -8.42
N ARG A 422 29.35 18.60 -8.53
CA ARG A 422 30.21 18.55 -9.75
C ARG A 422 30.60 17.12 -10.10
N ASP A 423 30.99 16.32 -9.11
CA ASP A 423 31.49 14.92 -9.34
C ASP A 423 30.40 13.90 -9.01
N PHE A 424 29.13 14.23 -9.26
CA PHE A 424 27.95 13.34 -9.01
C PHE A 424 28.15 11.98 -9.66
N PRO A 425 28.54 11.91 -10.95
CA PRO A 425 28.70 10.61 -11.60
C PRO A 425 29.70 9.71 -10.85
N ALA A 426 30.84 10.26 -10.45
CA ALA A 426 31.90 9.52 -9.73
C ALA A 426 31.35 9.03 -8.38
N MET A 427 30.56 9.87 -7.68
CA MET A 427 29.97 9.49 -6.37
C MET A 427 29.15 8.20 -6.54
N VAL A 428 28.25 8.17 -7.53
CA VAL A 428 27.33 7.03 -7.74
C VAL A 428 28.15 5.82 -8.19
N GLN A 429 29.12 6.01 -9.07
CA GLN A 429 30.01 4.90 -9.50
C GLN A 429 30.72 4.32 -8.27
N GLU A 430 31.17 5.17 -7.36
CA GLU A 430 31.88 4.72 -6.14
C GLU A 430 30.91 3.93 -5.25
N LEU A 431 29.65 4.38 -5.12
CA LEU A 431 28.64 3.65 -4.30
C LEU A 431 28.54 2.22 -4.83
N HIS A 432 28.43 2.05 -6.16
CA HIS A 432 28.31 0.75 -6.85
C HIS A 432 29.54 -0.12 -6.58
N GLN A 433 30.73 0.48 -6.64
CA GLN A 433 32.02 -0.21 -6.37
C GLN A 433 32.01 -0.82 -4.96
N GLY A 434 31.35 -0.17 -3.98
CA GLY A 434 31.23 -0.67 -2.59
C GLY A 434 30.04 -1.60 -2.38
N GLY A 435 29.25 -1.89 -3.41
CA GLY A 435 28.14 -2.86 -3.31
C GLY A 435 26.83 -2.20 -2.85
N ARG A 436 26.69 -0.90 -3.02
CA ARG A 436 25.46 -0.14 -2.66
C ARG A 436 24.77 0.37 -3.93
N ARG A 437 23.49 0.72 -3.79
CA ARG A 437 22.71 1.36 -4.89
C ARG A 437 22.48 2.82 -4.53
N TYR A 438 21.90 3.56 -5.48
CA TYR A 438 21.70 5.02 -5.39
C TYR A 438 20.29 5.33 -5.90
N MET A 439 19.58 6.15 -5.16
CA MET A 439 18.23 6.65 -5.49
C MET A 439 18.22 8.18 -5.39
N MET A 440 17.42 8.83 -6.24
CA MET A 440 17.29 10.30 -6.12
C MET A 440 15.87 10.72 -6.47
N ILE A 441 15.51 11.89 -5.96
CA ILE A 441 14.14 12.43 -6.16
C ILE A 441 14.00 12.83 -7.62
N VAL A 442 12.81 12.66 -8.16
CA VAL A 442 12.37 13.16 -9.50
C VAL A 442 10.98 13.74 -9.31
N ASP A 443 10.78 15.00 -9.69
CA ASP A 443 9.45 15.66 -9.67
C ASP A 443 8.82 15.54 -11.06
N PRO A 444 7.49 15.64 -11.19
CA PRO A 444 6.86 15.55 -12.50
C PRO A 444 7.00 16.84 -13.31
N ALA A 445 6.95 17.99 -12.64
CA ALA A 445 6.78 19.30 -13.31
C ALA A 445 8.15 19.73 -13.84
N ILE A 446 8.16 20.33 -15.02
CA ILE A 446 9.37 20.63 -15.82
C ILE A 446 9.49 22.14 -15.99
N SER A 447 10.62 22.69 -15.58
CA SER A 447 10.91 24.15 -15.64
C SER A 447 10.61 24.65 -17.05
N SER A 448 9.78 25.69 -17.16
CA SER A 448 9.29 26.24 -18.43
C SER A 448 9.88 27.64 -18.68
N SER A 449 10.76 28.13 -17.81
CA SER A 449 11.15 29.57 -17.81
C SER A 449 12.56 29.78 -18.38
N GLY A 450 13.27 28.69 -18.68
CA GLY A 450 14.69 28.78 -19.08
C GLY A 450 14.76 29.36 -20.49
N PRO A 451 15.90 29.97 -20.90
CA PRO A 451 16.03 30.41 -22.28
C PRO A 451 15.77 29.21 -23.20
N ALA A 452 15.11 29.45 -24.33
CA ALA A 452 14.79 28.43 -25.35
C ALA A 452 16.09 27.77 -25.80
N GLY A 453 16.13 26.44 -25.75
CA GLY A 453 17.25 25.62 -26.23
C GLY A 453 18.29 25.38 -25.15
N SER A 454 18.06 25.85 -23.92
CA SER A 454 19.01 25.74 -22.77
C SER A 454 18.63 24.59 -21.81
N TYR A 455 17.44 23.99 -21.95
CA TYR A 455 16.99 22.94 -20.99
C TYR A 455 16.17 21.87 -21.73
N ARG A 456 16.84 20.81 -22.15
CA ARG A 456 16.32 19.78 -23.09
C ARG A 456 15.01 19.18 -22.58
N PRO A 457 14.80 18.85 -21.29
CA PRO A 457 13.53 18.26 -20.89
C PRO A 457 12.31 19.10 -21.27
N TYR A 458 12.42 20.42 -21.12
CA TYR A 458 11.35 21.35 -21.53
C TYR A 458 11.33 21.48 -23.06
N ASP A 459 12.47 21.83 -23.65
CA ASP A 459 12.59 22.09 -25.11
C ASP A 459 12.01 20.91 -25.89
N GLU A 460 12.45 19.70 -25.57
CA GLU A 460 12.02 18.46 -26.25
C GLU A 460 10.55 18.17 -25.90
N GLY A 461 10.14 18.40 -24.64
CA GLY A 461 8.74 18.21 -24.21
C GLY A 461 7.81 19.10 -25.03
N LEU A 462 8.21 20.34 -25.27
CA LEU A 462 7.44 21.29 -26.10
C LEU A 462 7.34 20.75 -27.54
N ARG A 463 8.46 20.31 -28.09
CA ARG A 463 8.52 19.85 -29.50
C ARG A 463 7.56 18.66 -29.70
N ARG A 464 7.49 17.74 -28.75
CA ARG A 464 6.75 16.47 -28.90
C ARG A 464 5.34 16.59 -28.28
N GLY A 465 4.97 17.75 -27.73
CA GLY A 465 3.61 18.02 -27.19
C GLY A 465 3.32 17.12 -26.00
N VAL A 466 4.25 17.02 -25.04
CA VAL A 466 4.13 16.05 -23.92
C VAL A 466 3.29 16.62 -22.77
N PHE A 467 3.05 17.93 -22.74
CA PHE A 467 2.53 18.60 -21.51
C PHE A 467 1.01 18.69 -21.55
N ILE A 468 0.43 18.70 -20.35
CA ILE A 468 -1.00 19.01 -20.14
C ILE A 468 -1.23 20.42 -20.69
N THR A 469 -2.30 20.62 -21.47
CA THR A 469 -2.56 21.92 -22.12
C THR A 469 -3.84 22.54 -21.55
N ASN A 470 -3.99 23.85 -21.80
CA ASN A 470 -5.15 24.63 -21.32
C ASN A 470 -6.08 24.95 -22.49
N GLU A 471 -7.03 25.83 -22.26
CA GLU A 471 -8.17 26.14 -23.18
C GLU A 471 -7.64 26.53 -24.56
N THR A 472 -6.49 27.21 -24.62
CA THR A 472 -5.93 27.76 -25.89
C THR A 472 -4.92 26.79 -26.49
N GLY A 473 -4.76 25.60 -25.88
CA GLY A 473 -3.89 24.54 -26.42
C GLY A 473 -2.42 24.77 -26.10
N GLN A 474 -2.11 25.67 -25.18
CA GLN A 474 -0.71 25.89 -24.72
C GLN A 474 -0.50 25.13 -23.42
N PRO A 475 0.77 24.87 -23.05
CA PRO A 475 1.05 24.19 -21.79
C PRO A 475 0.47 24.94 -20.59
N LEU A 476 -0.20 24.21 -19.72
CA LEU A 476 -0.65 24.77 -18.44
C LEU A 476 0.61 25.01 -17.60
N ILE A 477 0.79 26.23 -17.12
CA ILE A 477 1.99 26.59 -16.33
C ILE A 477 1.57 26.77 -14.87
N GLY A 478 2.23 26.03 -13.98
CA GLY A 478 2.07 26.21 -12.53
C GLY A 478 3.37 26.61 -11.90
N LYS A 479 3.48 26.41 -10.61
CA LYS A 479 4.70 26.76 -9.85
C LYS A 479 5.04 25.57 -8.96
N VAL A 480 6.26 25.06 -9.11
CA VAL A 480 6.84 24.09 -8.15
C VAL A 480 8.29 24.50 -7.90
N TRP A 481 9.16 23.58 -7.52
CA TRP A 481 10.50 23.91 -6.97
C TRP A 481 11.31 24.82 -7.88
N PRO A 482 11.37 24.62 -9.22
CA PRO A 482 12.25 25.45 -10.04
C PRO A 482 11.64 26.80 -10.39
N GLY A 483 10.36 27.01 -10.05
CA GLY A 483 9.58 28.19 -10.43
C GLY A 483 8.46 27.77 -11.36
N SER A 484 8.31 28.46 -12.48
CA SER A 484 7.28 28.17 -13.51
C SER A 484 7.55 26.77 -14.08
N THR A 485 6.52 25.94 -14.18
CA THR A 485 6.64 24.55 -14.66
C THR A 485 5.45 24.16 -15.52
N ALA A 486 5.71 23.32 -16.51
CA ALA A 486 4.65 22.59 -17.25
C ALA A 486 4.55 21.19 -16.64
N PHE A 487 3.41 20.55 -16.82
CA PHE A 487 3.11 19.22 -16.22
C PHE A 487 3.03 18.17 -17.32
N PRO A 488 3.89 17.12 -17.31
CA PRO A 488 3.79 16.09 -18.32
C PRO A 488 2.44 15.38 -18.23
N ASP A 489 1.94 14.98 -19.39
CA ASP A 489 0.72 14.17 -19.53
C ASP A 489 1.13 12.71 -19.69
N PHE A 490 1.08 11.92 -18.63
CA PHE A 490 1.56 10.52 -18.70
C PHE A 490 0.48 9.59 -19.26
N THR A 491 -0.62 10.12 -19.82
CA THR A 491 -1.59 9.33 -20.61
C THR A 491 -1.23 9.44 -22.10
N ASN A 492 -0.34 10.34 -22.46
CA ASN A 492 0.07 10.59 -23.88
C ASN A 492 1.22 9.65 -24.21
N PRO A 493 1.04 8.73 -25.18
CA PRO A 493 2.10 7.78 -25.57
C PRO A 493 3.41 8.47 -25.94
N THR A 494 3.35 9.68 -26.47
CA THR A 494 4.55 10.46 -26.85
C THR A 494 5.26 10.95 -25.58
N ALA A 495 4.51 11.33 -24.54
CA ALA A 495 5.09 11.72 -23.24
C ALA A 495 5.81 10.52 -22.62
N LEU A 496 5.26 9.31 -22.76
CA LEU A 496 5.94 8.10 -22.25
C LEU A 496 7.30 7.97 -22.95
N ALA A 497 7.33 8.13 -24.28
CA ALA A 497 8.57 8.01 -25.08
C ALA A 497 9.56 9.10 -24.63
N TRP A 498 9.06 10.34 -24.43
CA TRP A 498 9.89 11.46 -23.96
C TRP A 498 10.47 11.14 -22.56
N TRP A 499 9.65 10.59 -21.66
CA TRP A 499 10.09 10.34 -20.26
C TRP A 499 11.16 9.24 -20.27
N GLU A 500 10.98 8.21 -21.08
CA GLU A 500 11.97 7.13 -21.27
C GLU A 500 13.31 7.75 -21.72
N ASP A 501 13.26 8.63 -22.72
CA ASP A 501 14.46 9.29 -23.28
C ASP A 501 15.12 10.13 -22.18
N MET A 502 14.37 10.96 -21.45
CA MET A 502 15.00 11.85 -20.42
C MET A 502 15.65 10.97 -19.34
N VAL A 503 14.96 9.93 -18.88
CA VAL A 503 15.52 9.01 -17.86
C VAL A 503 16.77 8.29 -18.41
N ALA A 504 16.72 7.75 -19.63
CA ALA A 504 17.85 7.00 -20.22
C ALA A 504 19.05 7.94 -20.42
N GLU A 505 18.80 9.16 -20.91
CA GLU A 505 19.91 10.13 -21.13
C GLU A 505 20.52 10.55 -19.79
N PHE A 506 19.70 10.78 -18.77
CA PHE A 506 20.25 11.17 -17.46
C PHE A 506 21.01 9.98 -16.87
N HIS A 507 20.49 8.77 -17.04
CA HIS A 507 21.14 7.53 -16.51
C HIS A 507 22.51 7.31 -17.19
N ASP A 508 22.69 7.77 -18.43
CA ASP A 508 23.99 7.76 -19.16
C ASP A 508 24.99 8.68 -18.45
N GLN A 509 24.54 9.73 -17.79
CA GLN A 509 25.41 10.66 -17.06
C GLN A 509 25.66 10.14 -15.64
N VAL A 510 24.59 9.68 -14.98
CA VAL A 510 24.61 9.27 -13.55
C VAL A 510 23.83 7.97 -13.42
N PRO A 511 24.50 6.83 -13.13
CA PRO A 511 23.84 5.53 -13.20
C PRO A 511 23.03 5.26 -11.92
N PHE A 512 21.96 6.04 -11.71
CA PHE A 512 21.04 5.84 -10.55
C PHE A 512 20.31 4.49 -10.73
N ASP A 513 19.82 3.90 -9.63
CA ASP A 513 19.30 2.51 -9.60
C ASP A 513 17.78 2.47 -9.48
N GLY A 514 17.16 3.64 -9.40
CA GLY A 514 15.69 3.72 -9.30
C GLY A 514 15.24 5.16 -9.31
N MET A 515 13.94 5.39 -9.10
CA MET A 515 13.38 6.76 -9.07
C MET A 515 12.47 6.90 -7.86
N TRP A 516 12.68 7.98 -7.12
CA TRP A 516 11.80 8.43 -6.03
C TRP A 516 10.89 9.50 -6.60
N ILE A 517 9.66 9.13 -6.98
CA ILE A 517 8.80 10.11 -7.69
C ILE A 517 7.87 10.80 -6.70
N ASP A 518 8.11 12.08 -6.50
CA ASP A 518 7.47 12.94 -5.46
C ASP A 518 6.52 13.93 -6.15
N MET A 519 5.70 14.64 -5.35
CA MET A 519 4.93 15.83 -5.81
C MET A 519 4.00 15.47 -6.98
N ASN A 520 3.56 14.20 -7.07
CA ASN A 520 2.88 13.68 -8.28
C ASN A 520 1.38 13.49 -8.03
N GLU A 521 0.76 14.42 -7.30
CA GLU A 521 -0.71 14.49 -7.11
C GLU A 521 -1.47 14.93 -8.37
N PRO A 522 -1.05 15.88 -9.24
CA PRO A 522 0.20 16.64 -9.15
C PRO A 522 0.11 17.85 -8.22
N SER A 523 1.20 18.10 -7.48
CA SER A 523 1.27 19.21 -6.51
C SER A 523 1.59 20.51 -7.25
N ASN A 524 0.86 21.57 -6.91
CA ASN A 524 1.01 22.92 -7.51
C ASN A 524 1.08 23.91 -6.35
N PHE A 525 2.07 24.80 -6.33
CA PHE A 525 2.24 25.79 -5.24
C PHE A 525 1.20 26.89 -5.37
N ILE A 526 0.58 27.01 -6.54
CA ILE A 526 -0.47 28.03 -6.80
C ILE A 526 -1.75 27.30 -7.23
N ARG A 527 -2.84 28.05 -7.26
CA ARG A 527 -4.22 27.53 -7.49
CA ARG A 527 -4.20 27.51 -7.49
C ARG A 527 -4.45 27.36 -8.99
N GLY A 528 -4.38 26.12 -9.50
CA GLY A 528 -4.76 25.79 -10.87
C GLY A 528 -3.65 26.07 -11.87
N SER A 529 -3.32 27.34 -12.12
CA SER A 529 -2.24 27.74 -13.06
C SER A 529 -1.88 29.20 -12.76
N GLU A 530 -0.79 29.65 -13.35
CA GLU A 530 -0.34 31.07 -13.29
C GLU A 530 -1.46 31.96 -13.81
N ASP A 531 -2.31 31.42 -14.68
CA ASP A 531 -3.37 32.15 -15.42
C ASP A 531 -4.72 31.82 -14.80
N GLY A 532 -4.73 31.21 -13.62
CA GLY A 532 -5.98 30.76 -12.97
C GLY A 532 -6.65 29.68 -13.82
N CYS A 533 -7.96 29.54 -13.68
CA CYS A 533 -8.73 28.51 -14.42
C CYS A 533 -10.01 29.15 -14.93
N PRO A 534 -10.52 28.65 -16.07
CA PRO A 534 -11.77 29.16 -16.62
C PRO A 534 -12.96 28.87 -15.71
N ASN A 535 -14.07 29.54 -15.96
CA ASN A 535 -15.33 29.31 -15.22
C ASN A 535 -16.17 28.33 -16.05
N ASN A 536 -16.10 27.04 -15.73
CA ASN A 536 -16.92 26.01 -16.41
C ASN A 536 -17.34 24.97 -15.37
N GLU A 537 -18.11 23.98 -15.78
CA GLU A 537 -18.76 23.01 -14.88
C GLU A 537 -17.75 21.99 -14.36
N LEU A 538 -16.62 21.81 -15.01
CA LEU A 538 -15.51 20.95 -14.48
C LEU A 538 -14.79 21.67 -13.34
N GLU A 539 -14.51 22.97 -13.48
CA GLU A 539 -13.79 23.74 -12.43
C GLU A 539 -14.75 24.00 -11.27
N ASN A 540 -16.04 24.20 -11.55
CA ASN A 540 -17.09 24.55 -10.56
C ASN A 540 -18.22 23.55 -10.68
N PRO A 541 -18.02 22.30 -10.21
CA PRO A 541 -18.99 21.23 -10.40
C PRO A 541 -20.17 21.31 -9.44
N PRO A 542 -21.31 20.64 -9.75
CA PRO A 542 -22.51 20.76 -8.92
C PRO A 542 -22.32 20.16 -7.52
N TYR A 543 -21.44 19.16 -7.39
CA TYR A 543 -21.10 18.52 -6.10
C TYR A 543 -19.59 18.50 -5.96
N VAL A 544 -19.08 19.21 -4.96
CA VAL A 544 -17.65 19.23 -4.58
C VAL A 544 -17.47 18.34 -3.36
N PRO A 545 -16.75 17.21 -3.49
CA PRO A 545 -16.47 16.35 -2.35
C PRO A 545 -15.70 17.12 -1.25
N GLY A 546 -15.56 16.51 -0.06
CA GLY A 546 -15.00 17.18 1.12
C GLY A 546 -13.48 17.34 1.05
N VAL A 547 -12.97 17.88 -0.06
CA VAL A 547 -11.50 18.06 -0.24
C VAL A 547 -11.02 19.23 0.63
N VAL A 548 -9.81 19.12 1.16
CA VAL A 548 -9.12 20.27 1.80
C VAL A 548 -9.08 21.43 0.80
N GLY A 549 -9.49 22.61 1.26
CA GLY A 549 -9.49 23.84 0.45
C GLY A 549 -10.82 24.05 -0.24
N GLY A 550 -11.68 23.03 -0.28
CA GLY A 550 -13.08 23.22 -0.75
C GLY A 550 -13.21 23.38 -2.26
N THR A 551 -12.14 23.10 -3.02
CA THR A 551 -12.14 23.17 -4.50
CA THR A 551 -12.19 23.13 -4.51
C THR A 551 -11.25 22.06 -5.09
N LEU A 552 -11.59 21.59 -6.28
CA LEU A 552 -10.75 20.59 -6.99
C LEU A 552 -9.40 21.20 -7.43
N GLN A 553 -9.28 22.53 -7.47
CA GLN A 553 -8.07 23.24 -7.97
CA GLN A 553 -8.08 23.24 -7.97
C GLN A 553 -7.04 23.39 -6.84
N ALA A 554 -7.47 23.32 -5.59
CA ALA A 554 -6.59 23.62 -4.44
C ALA A 554 -5.35 22.73 -4.49
N ALA A 555 -4.15 23.34 -4.51
CA ALA A 555 -2.83 22.69 -4.44
C ALA A 555 -2.58 21.82 -5.68
N THR A 556 -3.31 22.03 -6.76
CA THR A 556 -3.12 21.23 -7.99
C THR A 556 -3.41 22.08 -9.22
N ILE A 557 -3.63 21.41 -10.36
CA ILE A 557 -3.80 22.08 -11.66
C ILE A 557 -5.28 22.14 -12.03
N CYS A 558 -5.61 22.95 -13.03
CA CYS A 558 -7.02 23.17 -13.47
C CYS A 558 -7.67 21.83 -13.82
N ALA A 559 -8.90 21.63 -13.33
CA ALA A 559 -9.70 20.41 -13.59
C ALA A 559 -10.07 20.29 -15.09
N SER A 560 -10.20 21.39 -15.81
CA SER A 560 -10.65 21.34 -17.24
C SER A 560 -9.45 21.33 -18.17
N SER A 561 -8.22 21.24 -17.62
CA SER A 561 -7.01 21.04 -18.44
C SER A 561 -7.08 19.70 -19.19
N HIS A 562 -6.40 19.65 -20.33
CA HIS A 562 -6.52 18.60 -21.36
C HIS A 562 -5.38 17.59 -21.21
N GLN A 563 -5.73 16.32 -21.16
CA GLN A 563 -4.77 15.19 -21.31
C GLN A 563 -5.16 14.39 -22.53
N PHE A 564 -4.28 13.50 -22.97
CA PHE A 564 -4.49 12.71 -24.20
C PHE A 564 -5.78 11.88 -24.09
N LEU A 565 -6.02 11.23 -22.94
CA LEU A 565 -7.19 10.31 -22.77
C LEU A 565 -8.48 11.04 -22.35
N SER A 566 -8.39 12.15 -21.64
CA SER A 566 -9.58 12.86 -21.11
C SER A 566 -9.12 14.16 -20.46
N THR A 567 -10.05 14.82 -19.78
CA THR A 567 -9.75 16.02 -18.98
C THR A 567 -9.03 15.61 -17.68
N HIS A 568 -8.34 16.54 -17.04
CA HIS A 568 -7.71 16.31 -15.72
C HIS A 568 -8.80 15.99 -14.69
N TYR A 569 -10.00 16.53 -14.86
CA TYR A 569 -11.14 16.23 -13.96
C TYR A 569 -11.29 14.72 -13.78
N ASN A 570 -11.27 13.97 -14.88
CA ASN A 570 -11.47 12.50 -14.86
C ASN A 570 -10.17 11.78 -14.47
N LEU A 571 -9.01 12.32 -14.81
CA LEU A 571 -7.71 11.60 -14.73
C LEU A 571 -6.89 11.96 -13.49
N HIS A 572 -7.25 13.02 -12.78
CA HIS A 572 -6.42 13.55 -11.66
C HIS A 572 -5.97 12.40 -10.75
N ASN A 573 -6.90 11.60 -10.25
CA ASN A 573 -6.55 10.55 -9.27
C ASN A 573 -5.60 9.51 -9.88
N LEU A 574 -5.43 9.48 -11.21
CA LEU A 574 -4.46 8.55 -11.86
C LEU A 574 -3.10 9.20 -12.10
N TYR A 575 -2.92 10.50 -11.87
CA TYR A 575 -1.69 11.22 -12.30
C TYR A 575 -0.46 10.47 -11.77
N GLY A 576 -0.40 10.23 -10.47
CA GLY A 576 0.73 9.55 -9.81
C GLY A 576 0.94 8.16 -10.40
N LEU A 577 -0.12 7.37 -10.48
CA LEU A 577 -0.08 6.00 -11.04
C LEU A 577 0.47 6.05 -12.47
N THR A 578 -0.02 6.98 -13.31
CA THR A 578 0.46 7.05 -14.73
C THR A 578 1.97 7.36 -14.73
N GLU A 579 2.45 8.24 -13.85
CA GLU A 579 3.89 8.54 -13.76
C GLU A 579 4.64 7.28 -13.31
N ALA A 580 4.07 6.51 -12.38
CA ALA A 580 4.74 5.32 -11.83
C ALA A 580 4.89 4.30 -12.96
N ILE A 581 3.85 4.14 -13.79
CA ILE A 581 3.89 3.21 -14.95
C ILE A 581 4.99 3.66 -15.92
N ALA A 582 5.01 4.95 -16.26
CA ALA A 582 5.97 5.55 -17.22
C ALA A 582 7.41 5.35 -16.70
N SER A 583 7.60 5.52 -15.40
CA SER A 583 8.92 5.43 -14.72
C SER A 583 9.39 3.98 -14.66
N HIS A 584 8.48 3.05 -14.35
CA HIS A 584 8.74 1.59 -14.36
C HIS A 584 9.31 1.22 -15.74
N ARG A 585 8.59 1.56 -16.80
CA ARG A 585 9.00 1.24 -18.20
C ARG A 585 10.34 1.92 -18.49
N ALA A 586 10.48 3.19 -18.12
CA ALA A 586 11.71 3.97 -18.38
C ALA A 586 12.90 3.25 -17.74
N LEU A 587 12.73 2.73 -16.52
CA LEU A 587 13.84 2.10 -15.74
C LEU A 587 14.16 0.72 -16.32
N VAL A 588 13.14 0.01 -16.81
CA VAL A 588 13.33 -1.30 -17.48
C VAL A 588 14.17 -1.07 -18.75
N LYS A 589 13.84 -0.04 -19.54
CA LYS A 589 14.58 0.23 -20.80
C LYS A 589 16.00 0.72 -20.47
N ALA A 590 16.17 1.56 -19.46
CA ALA A 590 17.46 2.20 -19.14
C ALA A 590 18.43 1.19 -18.53
N ARG A 591 17.96 0.26 -17.70
CA ARG A 591 18.86 -0.57 -16.86
C ARG A 591 18.78 -2.05 -17.25
N GLY A 592 17.64 -2.51 -17.77
CA GLY A 592 17.47 -3.91 -18.22
C GLY A 592 17.33 -4.88 -17.05
N THR A 593 17.10 -4.37 -15.83
CA THR A 593 16.83 -5.16 -14.60
C THR A 593 15.56 -4.62 -13.93
N ARG A 594 15.05 -5.30 -12.91
CA ARG A 594 13.82 -4.92 -12.21
C ARG A 594 13.85 -3.46 -11.79
N PRO A 595 12.77 -2.70 -12.06
CA PRO A 595 12.70 -1.30 -11.68
C PRO A 595 12.40 -1.14 -10.19
N PHE A 596 12.85 -0.04 -9.63
CA PHE A 596 12.61 0.32 -8.23
C PHE A 596 12.08 1.75 -8.20
N VAL A 597 10.76 1.88 -8.11
CA VAL A 597 10.02 3.16 -8.13
C VAL A 597 9.29 3.30 -6.81
N ILE A 598 9.57 4.39 -6.08
CA ILE A 598 8.84 4.74 -4.83
C ILE A 598 8.07 6.04 -5.09
N SER A 599 6.74 5.97 -5.01
CA SER A 599 5.85 7.03 -5.49
C SER A 599 5.07 7.59 -4.32
N ARG A 600 4.86 8.91 -4.30
CA ARG A 600 4.02 9.50 -3.25
C ARG A 600 2.55 9.25 -3.60
N SER A 601 2.11 9.80 -4.71
CA SER A 601 0.69 9.67 -5.15
C SER A 601 0.45 8.30 -5.79
N THR A 602 -0.69 7.69 -5.47
CA THR A 602 -1.05 6.35 -5.95
C THR A 602 -2.54 6.29 -6.29
N PHE A 603 -2.89 5.19 -6.95
CA PHE A 603 -4.29 4.79 -7.23
C PHE A 603 -4.34 3.27 -7.15
N ALA A 604 -5.53 2.72 -7.06
CA ALA A 604 -5.78 1.27 -7.10
C ALA A 604 -4.95 0.68 -8.25
N GLY A 605 -4.21 -0.40 -7.98
CA GLY A 605 -3.38 -1.06 -8.99
C GLY A 605 -1.94 -0.55 -9.01
N HIS A 606 -1.60 0.42 -8.16
CA HIS A 606 -0.25 1.02 -8.10
C HIS A 606 0.81 -0.07 -7.83
N GLY A 607 0.47 -1.06 -7.02
CA GLY A 607 1.44 -2.03 -6.49
C GLY A 607 1.97 -2.92 -7.59
N ARG A 608 1.26 -3.01 -8.71
CA ARG A 608 1.76 -3.76 -9.89
C ARG A 608 3.01 -3.09 -10.47
N TYR A 609 3.27 -1.81 -10.19
CA TYR A 609 4.36 -1.04 -10.82
C TYR A 609 5.39 -0.54 -9.80
N ALA A 610 4.97 -0.23 -8.57
CA ALA A 610 5.79 0.59 -7.68
C ALA A 610 5.42 0.41 -6.21
N GLY A 611 6.27 0.97 -5.34
CA GLY A 611 6.00 1.09 -3.92
C GLY A 611 5.54 2.49 -3.54
N HIS A 612 5.43 2.74 -2.24
CA HIS A 612 4.89 4.00 -1.70
C HIS A 612 5.54 4.27 -0.35
N TRP A 613 5.70 5.53 0.01
CA TRP A 613 5.94 5.93 1.41
C TRP A 613 4.83 6.90 1.80
N THR A 614 4.55 7.04 3.09
CA THR A 614 3.30 7.68 3.58
C THR A 614 3.45 9.21 3.62
N GLY A 615 4.56 9.76 3.12
CA GLY A 615 4.71 11.21 2.91
C GLY A 615 5.20 11.95 4.14
N ASP A 616 4.76 13.20 4.31
CA ASP A 616 5.40 14.19 5.22
C ASP A 616 4.87 14.00 6.63
N VAL A 617 5.18 12.86 7.24
CA VAL A 617 4.72 12.54 8.62
C VAL A 617 5.59 13.33 9.60
N TRP A 618 4.94 13.88 10.61
CA TRP A 618 5.65 14.52 11.75
C TRP A 618 6.47 13.50 12.53
N SER A 619 7.59 13.96 13.08
CA SER A 619 8.40 13.21 14.06
C SER A 619 7.66 13.30 15.40
N SER A 620 6.61 12.51 15.55
CA SER A 620 5.76 12.47 16.78
C SER A 620 5.44 11.02 17.12
N TRP A 621 5.14 10.75 18.39
CA TRP A 621 4.67 9.41 18.85
C TRP A 621 3.34 9.06 18.18
N GLU A 622 2.49 10.06 17.95
CA GLU A 622 1.18 9.84 17.28
C GLU A 622 1.43 9.33 15.85
N GLN A 623 2.35 9.95 15.10
CA GLN A 623 2.61 9.53 13.69
C GLN A 623 3.32 8.17 13.69
N LEU A 624 4.23 7.88 14.65
CA LEU A 624 4.79 6.52 14.80
C LEU A 624 3.63 5.54 14.91
N ALA A 625 2.68 5.80 15.82
CA ALA A 625 1.58 4.85 16.09
C ALA A 625 0.70 4.74 14.83
N SER A 626 0.37 5.87 14.20
CA SER A 626 -0.51 5.90 12.99
C SER A 626 0.12 5.16 11.80
N SER A 627 1.43 4.98 11.77
CA SER A 627 2.14 4.35 10.64
C SER A 627 1.78 2.87 10.58
N VAL A 628 1.40 2.23 11.69
CA VAL A 628 1.16 0.76 11.65
C VAL A 628 -0.13 0.52 10.85
N PRO A 629 -1.27 1.14 11.19
CA PRO A 629 -2.48 0.93 10.43
C PRO A 629 -2.27 1.28 8.96
N GLU A 630 -1.54 2.35 8.68
CA GLU A 630 -1.41 2.82 7.27
C GLU A 630 -0.60 1.80 6.45
N ILE A 631 0.50 1.29 6.98
CA ILE A 631 1.33 0.23 6.31
C ILE A 631 0.45 -1.02 6.11
N LEU A 632 -0.32 -1.43 7.12
CA LEU A 632 -1.22 -2.59 6.98
C LEU A 632 -2.26 -2.31 5.88
N GLN A 633 -2.78 -1.09 5.83
CA GLN A 633 -3.85 -0.75 4.85
C GLN A 633 -3.31 -0.89 3.43
N PHE A 634 -2.12 -0.35 3.16
CA PHE A 634 -1.50 -0.40 1.82
C PHE A 634 -1.23 -1.85 1.42
N ASN A 635 -0.90 -2.71 2.39
CA ASN A 635 -0.70 -4.16 2.09
C ASN A 635 -2.04 -4.75 1.63
N LEU A 636 -3.15 -4.43 2.29
CA LEU A 636 -4.50 -4.92 1.89
C LEU A 636 -4.81 -4.42 0.46
N LEU A 637 -4.23 -3.28 0.05
CA LEU A 637 -4.54 -2.65 -1.26
C LEU A 637 -3.52 -3.04 -2.34
N GLY A 638 -2.66 -4.02 -2.06
CA GLY A 638 -1.74 -4.58 -3.07
C GLY A 638 -0.52 -3.70 -3.29
N VAL A 639 -0.19 -2.86 -2.30
CA VAL A 639 1.07 -2.04 -2.31
C VAL A 639 1.90 -2.44 -1.09
N PRO A 640 2.42 -3.69 -1.08
CA PRO A 640 3.16 -4.17 0.08
C PRO A 640 4.50 -3.47 0.26
N LEU A 641 5.11 -2.96 -0.82
CA LEU A 641 6.36 -2.19 -0.66
C LEU A 641 6.00 -0.80 -0.16
N VAL A 642 5.78 -0.67 1.16
CA VAL A 642 5.30 0.59 1.77
C VAL A 642 6.02 0.77 3.12
N GLY A 643 6.19 2.02 3.51
CA GLY A 643 6.71 2.39 4.82
C GLY A 643 6.49 3.85 5.07
N ALA A 644 6.81 4.27 6.29
CA ALA A 644 6.84 5.70 6.67
C ALA A 644 8.30 6.09 6.82
N ASP A 645 8.59 7.38 6.74
CA ASP A 645 9.93 7.93 7.01
C ASP A 645 10.34 7.54 8.44
N VAL A 646 11.34 6.70 8.57
CA VAL A 646 11.79 6.23 9.90
C VAL A 646 12.34 7.42 10.69
N CYS A 647 11.81 7.63 11.90
CA CYS A 647 12.06 8.72 12.87
C CYS A 647 11.22 9.96 12.54
N GLY A 648 10.43 9.91 11.45
CA GLY A 648 9.60 11.03 11.01
C GLY A 648 10.34 11.99 10.09
N PHE A 649 9.59 12.68 9.24
CA PHE A 649 10.14 13.66 8.27
C PHE A 649 10.14 15.08 8.85
N LEU A 650 8.97 15.60 9.20
CA LEU A 650 8.82 17.00 9.66
C LEU A 650 9.26 17.13 11.12
N GLY A 651 9.79 18.29 11.46
CA GLY A 651 10.15 18.62 12.84
C GLY A 651 11.40 17.86 13.26
N ASN A 652 11.62 17.80 14.57
CA ASN A 652 12.85 17.22 15.16
C ASN A 652 12.46 15.97 15.94
N THR A 653 13.10 14.86 15.61
CA THR A 653 12.91 13.60 16.35
C THR A 653 13.62 13.71 17.70
N SER A 654 13.19 12.92 18.68
CA SER A 654 13.95 12.73 19.94
C SER A 654 14.73 11.44 19.77
N GLU A 655 15.72 11.21 20.63
CA GLU A 655 16.47 9.93 20.59
C GLU A 655 15.54 8.77 20.92
N GLU A 656 14.70 8.90 21.94
CA GLU A 656 13.78 7.80 22.35
C GLU A 656 12.81 7.48 21.20
N LEU A 657 12.23 8.51 20.56
CA LEU A 657 11.29 8.30 19.43
C LEU A 657 12.03 7.57 18.29
N CYS A 658 13.25 7.98 18.01
CA CYS A 658 14.04 7.40 16.89
C CYS A 658 14.46 5.96 17.20
N VAL A 659 14.73 5.60 18.45
CA VAL A 659 14.94 4.17 18.83
C VAL A 659 13.67 3.36 18.50
N ARG A 660 12.52 3.76 19.04
CA ARG A 660 11.23 3.06 18.88
C ARG A 660 10.85 3.02 17.40
N TRP A 661 11.11 4.11 16.67
CA TRP A 661 10.70 4.22 15.25
C TRP A 661 11.59 3.32 14.38
N THR A 662 12.89 3.23 14.71
CA THR A 662 13.80 2.32 14.01
C THR A 662 13.42 0.88 14.32
N GLN A 663 13.04 0.59 15.58
CA GLN A 663 12.62 -0.77 15.97
C GLN A 663 11.39 -1.19 15.15
N LEU A 664 10.35 -0.36 15.14
CA LEU A 664 9.13 -0.69 14.37
C LEU A 664 9.45 -0.64 12.88
N GLY A 665 10.11 0.42 12.45
CA GLY A 665 10.45 0.72 11.06
C GLY A 665 11.23 -0.42 10.40
N ALA A 666 12.04 -1.15 11.16
CA ALA A 666 12.76 -2.35 10.68
C ALA A 666 11.77 -3.41 10.18
N PHE A 667 10.48 -3.31 10.55
CA PHE A 667 9.43 -4.26 10.09
C PHE A 667 8.50 -3.59 9.08
N TYR A 668 8.83 -2.38 8.63
CA TYR A 668 8.19 -1.83 7.42
C TYR A 668 8.74 -2.62 6.24
N PRO A 669 7.90 -3.07 5.27
CA PRO A 669 8.43 -3.78 4.12
C PRO A 669 9.41 -2.91 3.32
N PHE A 670 9.15 -1.61 3.26
CA PHE A 670 10.07 -0.58 2.69
C PHE A 670 10.59 0.27 3.85
N MET A 671 11.89 0.20 4.12
CA MET A 671 12.50 0.85 5.31
C MET A 671 13.47 1.95 4.87
N ARG A 672 13.05 3.19 5.03
CA ARG A 672 13.86 4.38 4.71
C ARG A 672 13.72 5.40 5.84
N ASN A 673 14.87 5.85 6.33
CA ASN A 673 14.97 7.03 7.22
C ASN A 673 15.15 8.25 6.31
N HIS A 674 14.24 9.21 6.44
CA HIS A 674 14.24 10.44 5.59
C HIS A 674 13.86 11.60 6.50
N ASN A 675 14.34 12.80 6.18
CA ASN A 675 14.39 13.92 7.13
C ASN A 675 14.30 15.23 6.36
N SER A 676 13.66 16.23 6.96
CA SER A 676 13.40 17.52 6.28
C SER A 676 14.62 18.43 6.41
N LEU A 677 14.65 19.44 5.54
CA LEU A 677 15.74 20.42 5.40
C LEU A 677 15.99 21.12 6.73
N LEU A 678 14.92 21.42 7.46
CA LEU A 678 14.98 22.30 8.67
C LEU A 678 15.16 21.46 9.93
N SER A 679 15.38 20.15 9.81
CA SER A 679 15.36 19.19 10.94
C SER A 679 16.78 18.97 11.49
N LEU A 680 16.87 18.58 12.76
CA LEU A 680 18.12 18.09 13.38
C LEU A 680 18.43 16.72 12.77
N PRO A 681 19.73 16.35 12.64
CA PRO A 681 20.11 15.09 12.00
C PRO A 681 19.45 13.92 12.73
N GLN A 682 19.19 12.82 12.03
CA GLN A 682 18.57 11.61 12.63
C GLN A 682 19.11 10.32 11.98
N GLU A 683 20.33 10.35 11.42
CA GLU A 683 21.01 9.11 11.00
C GLU A 683 21.32 8.29 12.25
N PRO A 684 21.29 6.95 12.15
CA PRO A 684 21.59 6.08 13.29
C PRO A 684 22.86 6.47 14.06
N TYR A 685 23.92 6.87 13.35
CA TYR A 685 25.25 7.19 13.92
C TYR A 685 25.25 8.54 14.65
N SER A 686 24.16 9.31 14.58
CA SER A 686 24.09 10.67 15.17
C SER A 686 23.59 10.60 16.63
N PHE A 687 23.29 9.42 17.15
CA PHE A 687 22.69 9.27 18.50
C PHE A 687 23.73 8.76 19.51
N SER A 688 23.32 8.68 20.78
CA SER A 688 24.16 8.19 21.91
C SER A 688 24.49 6.72 21.65
N GLU A 689 25.53 6.19 22.30
CA GLU A 689 25.99 4.80 22.11
C GLU A 689 24.84 3.83 22.38
N PRO A 690 24.06 3.97 23.49
CA PRO A 690 23.01 3.00 23.79
C PRO A 690 21.89 3.03 22.73
N ALA A 691 21.56 4.21 22.20
CA ALA A 691 20.55 4.35 21.11
C ALA A 691 21.11 3.72 19.83
N GLN A 692 22.40 3.92 19.55
CA GLN A 692 23.08 3.29 18.39
C GLN A 692 22.99 1.75 18.50
N GLN A 693 23.26 1.18 19.67
CA GLN A 693 23.21 -0.30 19.87
C GLN A 693 21.81 -0.83 19.55
N ALA A 694 20.77 -0.19 20.06
CA ALA A 694 19.37 -0.58 19.83
C ALA A 694 19.05 -0.50 18.33
N MET A 695 19.50 0.56 17.66
CA MET A 695 19.20 0.80 16.23
C MET A 695 19.97 -0.24 15.39
N ARG A 696 21.19 -0.55 15.80
CA ARG A 696 22.06 -1.54 15.11
C ARG A 696 21.42 -2.93 15.24
N LYS A 697 20.88 -3.26 16.41
CA LYS A 697 20.21 -4.56 16.62
C LYS A 697 18.97 -4.68 15.71
N ALA A 698 18.20 -3.60 15.59
CA ALA A 698 16.99 -3.56 14.73
C ALA A 698 17.38 -3.80 13.27
N LEU A 699 18.43 -3.16 12.79
CA LEU A 699 18.88 -3.31 11.37
C LEU A 699 19.46 -4.72 11.18
N THR A 700 20.24 -5.22 12.14
CA THR A 700 20.86 -6.57 12.09
C THR A 700 19.76 -7.62 11.97
N LEU A 701 18.70 -7.48 12.76
CA LEU A 701 17.62 -8.47 12.76
C LEU A 701 16.89 -8.43 11.41
N ARG A 702 16.65 -7.23 10.89
CA ARG A 702 15.99 -7.10 9.56
C ARG A 702 16.87 -7.79 8.51
N TYR A 703 18.18 -7.53 8.52
CA TYR A 703 19.08 -8.09 7.48
C TYR A 703 19.08 -9.61 7.64
N ALA A 704 19.03 -10.12 8.87
CA ALA A 704 19.03 -11.58 9.12
C ALA A 704 17.76 -12.18 8.50
N LEU A 705 16.64 -11.44 8.54
CA LEU A 705 15.32 -11.92 8.08
C LEU A 705 15.13 -11.71 6.57
N LEU A 706 16.07 -11.06 5.87
CA LEU A 706 15.82 -10.67 4.45
C LEU A 706 15.47 -11.85 3.57
N PRO A 707 16.05 -13.06 3.68
CA PRO A 707 15.61 -14.16 2.83
C PRO A 707 14.11 -14.48 3.03
N HIS A 708 13.63 -14.36 4.26
CA HIS A 708 12.20 -14.56 4.62
C HIS A 708 11.34 -13.43 4.02
N LEU A 709 11.74 -12.18 4.22
CA LEU A 709 11.00 -11.02 3.69
C LEU A 709 10.93 -11.10 2.16
N TYR A 710 12.00 -11.53 1.51
CA TYR A 710 12.04 -11.67 0.04
C TYR A 710 11.07 -12.77 -0.40
N THR A 711 10.99 -13.85 0.37
CA THR A 711 10.08 -14.98 0.07
C THR A 711 8.66 -14.47 0.22
N LEU A 712 8.39 -13.63 1.24
CA LEU A 712 7.04 -13.05 1.45
C LEU A 712 6.71 -12.15 0.26
N PHE A 713 7.69 -11.42 -0.28
CA PHE A 713 7.44 -10.58 -1.50
C PHE A 713 7.16 -11.48 -2.71
N HIS A 714 7.85 -12.61 -2.83
CA HIS A 714 7.57 -13.59 -3.91
C HIS A 714 6.10 -14.03 -3.83
N GLN A 715 5.60 -14.35 -2.64
CA GLN A 715 4.20 -14.80 -2.43
C GLN A 715 3.25 -13.67 -2.82
N ALA A 716 3.56 -12.41 -2.48
CA ALA A 716 2.73 -11.27 -2.88
C ALA A 716 2.67 -11.25 -4.41
N HIS A 717 3.83 -11.37 -5.06
CA HIS A 717 3.98 -11.25 -6.53
C HIS A 717 3.31 -12.41 -7.27
N VAL A 718 3.35 -13.63 -6.74
CA VAL A 718 2.79 -14.80 -7.50
C VAL A 718 1.36 -15.13 -7.06
N ALA A 719 0.92 -14.75 -5.86
CA ALA A 719 -0.36 -15.24 -5.30
C ALA A 719 -1.21 -14.13 -4.69
N GLY A 720 -0.84 -12.85 -4.84
CA GLY A 720 -1.63 -11.71 -4.31
C GLY A 720 -1.72 -11.74 -2.79
N GLU A 721 -0.70 -12.28 -2.13
CA GLU A 721 -0.57 -12.27 -0.65
C GLU A 721 -0.14 -10.89 -0.17
N THR A 722 -0.42 -10.62 1.11
CA THR A 722 0.11 -9.46 1.86
C THR A 722 1.49 -9.83 2.39
N VAL A 723 2.32 -8.83 2.62
CA VAL A 723 3.65 -9.02 3.28
C VAL A 723 3.50 -8.65 4.75
N ALA A 724 3.23 -7.39 5.04
CA ALA A 724 2.81 -6.95 6.39
C ALA A 724 1.30 -7.14 6.48
N ARG A 725 0.80 -7.85 7.50
CA ARG A 725 -0.66 -8.11 7.52
C ARG A 725 -1.22 -7.98 8.93
N PRO A 726 -2.47 -7.48 9.04
CA PRO A 726 -3.09 -7.33 10.34
C PRO A 726 -3.39 -8.72 10.89
N LEU A 727 -3.52 -8.84 12.21
CA LEU A 727 -3.84 -10.13 12.85
C LEU A 727 -5.15 -10.69 12.25
N PHE A 728 -6.15 -9.85 11.96
CA PHE A 728 -7.48 -10.32 11.51
C PHE A 728 -7.38 -11.01 10.14
N LEU A 729 -6.36 -10.71 9.32
CA LEU A 729 -6.18 -11.44 8.03
C LEU A 729 -5.75 -12.87 8.31
N GLU A 730 -5.02 -13.10 9.39
CA GLU A 730 -4.48 -14.45 9.67
C GLU A 730 -5.39 -15.22 10.64
N PHE A 731 -6.15 -14.51 11.48
CA PHE A 731 -7.02 -15.13 12.53
C PHE A 731 -8.41 -14.49 12.48
N PRO A 732 -9.07 -14.49 11.30
CA PRO A 732 -10.34 -13.78 11.14
C PRO A 732 -11.47 -14.32 12.03
N LYS A 733 -11.40 -15.59 12.40
CA LYS A 733 -12.45 -16.26 13.21
C LYS A 733 -12.31 -15.89 14.69
N ASP A 734 -11.22 -15.24 15.07
CA ASP A 734 -11.03 -14.65 16.41
C ASP A 734 -11.41 -13.16 16.35
N SER A 735 -12.63 -12.82 16.75
CA SER A 735 -13.19 -11.44 16.63
C SER A 735 -12.41 -10.47 17.51
N SER A 736 -11.66 -10.96 18.50
CA SER A 736 -10.74 -10.10 19.31
C SER A 736 -9.67 -9.48 18.40
N THR A 737 -9.35 -10.08 17.26
CA THR A 737 -8.29 -9.50 16.38
C THR A 737 -8.83 -8.34 15.55
N TRP A 738 -10.15 -8.20 15.40
CA TRP A 738 -10.72 -7.32 14.34
C TRP A 738 -10.26 -5.88 14.50
N THR A 739 -10.05 -5.38 15.73
CA THR A 739 -9.68 -3.96 15.94
C THR A 739 -8.18 -3.81 16.23
N VAL A 740 -7.39 -4.87 16.07
CA VAL A 740 -5.94 -4.79 16.38
C VAL A 740 -5.22 -4.17 15.18
N ASP A 741 -4.61 -3.00 15.37
CA ASP A 741 -3.85 -2.33 14.28
C ASP A 741 -2.58 -1.69 14.81
N HIS A 742 -2.15 -1.98 16.05
CA HIS A 742 -0.83 -1.53 16.57
C HIS A 742 0.12 -2.71 16.78
N GLN A 743 -0.27 -3.87 16.25
CA GLN A 743 0.60 -5.03 16.05
C GLN A 743 0.54 -5.36 14.57
N LEU A 744 1.57 -6.01 14.06
CA LEU A 744 1.53 -6.53 12.67
C LEU A 744 2.15 -7.91 12.63
N LEU A 745 1.77 -8.64 11.61
CA LEU A 745 2.46 -9.87 11.19
C LEU A 745 3.30 -9.58 9.94
N TRP A 746 4.46 -10.21 9.86
CA TRP A 746 5.08 -10.57 8.57
C TRP A 746 4.56 -11.95 8.18
N GLY A 747 3.82 -12.03 7.09
CA GLY A 747 3.24 -13.29 6.61
C GLY A 747 2.38 -13.94 7.69
N GLU A 748 2.46 -15.26 7.79
CA GLU A 748 1.59 -16.03 8.72
C GLU A 748 2.20 -16.06 10.13
N ALA A 749 3.51 -15.86 10.28
CA ALA A 749 4.24 -16.47 11.43
C ALA A 749 4.94 -15.47 12.35
N LEU A 750 5.29 -14.25 11.92
CA LEU A 750 6.12 -13.37 12.77
C LEU A 750 5.24 -12.25 13.31
N LEU A 751 5.04 -12.23 14.63
CA LEU A 751 4.19 -11.22 15.29
C LEU A 751 5.09 -10.15 15.92
N ILE A 752 4.88 -8.91 15.52
CA ILE A 752 5.66 -7.74 15.99
C ILE A 752 4.75 -6.87 16.85
N THR A 753 5.16 -6.64 18.10
CA THR A 753 4.38 -5.89 19.12
C THR A 753 5.22 -4.71 19.58
N PRO A 754 5.19 -3.58 18.86
CA PRO A 754 6.07 -2.47 19.17
C PRO A 754 5.56 -1.63 20.33
N VAL A 755 6.50 -1.02 21.06
CA VAL A 755 6.19 0.15 21.91
C VAL A 755 6.00 1.37 21.00
N LEU A 756 4.89 2.07 21.19
CA LEU A 756 4.49 3.22 20.33
C LEU A 756 4.25 4.45 21.18
N GLN A 757 4.81 4.49 22.39
CA GLN A 757 4.60 5.58 23.35
C GLN A 757 5.88 5.87 24.12
N ALA A 758 6.10 7.14 24.48
CA ALA A 758 7.27 7.58 25.26
C ALA A 758 7.17 6.99 26.68
N GLY A 759 8.31 6.68 27.30
CA GLY A 759 8.40 6.39 28.75
C GLY A 759 7.88 4.99 29.08
N LYS A 760 7.70 4.13 28.07
CA LYS A 760 7.19 2.76 28.29
C LYS A 760 8.33 1.75 28.34
N ALA A 761 8.25 0.82 29.29
CA ALA A 761 9.22 -0.29 29.43
C ALA A 761 8.46 -1.62 29.30
N GLU A 762 7.21 -1.55 28.85
CA GLU A 762 6.38 -2.75 28.62
C GLU A 762 5.32 -2.41 27.58
N VAL A 763 4.78 -3.44 26.96
CA VAL A 763 3.71 -3.29 25.94
C VAL A 763 2.75 -4.44 26.12
N THR A 764 1.46 -4.16 25.95
CA THR A 764 0.39 -5.18 25.98
C THR A 764 -0.06 -5.44 24.53
N GLY A 765 -0.03 -6.68 24.11
CA GLY A 765 -0.44 -7.06 22.75
C GLY A 765 -1.33 -8.28 22.76
N TYR A 766 -2.08 -8.47 21.68
CA TYR A 766 -2.96 -9.62 21.53
C TYR A 766 -2.17 -10.78 20.96
N PHE A 767 -2.32 -11.95 21.57
CA PHE A 767 -1.74 -13.24 21.09
C PHE A 767 -2.87 -14.18 20.75
N PRO A 768 -3.07 -14.48 19.44
CA PRO A 768 -4.07 -15.45 19.03
C PRO A 768 -3.74 -16.82 19.65
N LEU A 769 -4.75 -17.69 19.71
CA LEU A 769 -4.64 -19.06 20.26
C LEU A 769 -3.44 -19.74 19.59
N GLY A 770 -2.50 -20.25 20.40
CA GLY A 770 -1.34 -21.00 19.94
C GLY A 770 -0.11 -20.67 20.75
N THR A 771 1.02 -21.29 20.40
CA THR A 771 2.31 -21.03 21.06
C THR A 771 3.10 -20.04 20.23
N TRP A 772 3.63 -19.02 20.90
CA TRP A 772 4.42 -17.93 20.27
C TRP A 772 5.80 -17.88 20.93
N TYR A 773 6.83 -18.26 20.18
CA TYR A 773 8.21 -18.28 20.69
C TYR A 773 8.83 -16.88 20.59
N ASP A 774 9.54 -16.48 21.65
CA ASP A 774 10.29 -15.21 21.69
C ASP A 774 11.50 -15.35 20.74
N LEU A 775 11.57 -14.49 19.73
CA LEU A 775 12.63 -14.59 18.69
C LEU A 775 13.99 -14.29 19.33
N GLN A 776 14.02 -13.71 20.52
CA GLN A 776 15.29 -13.43 21.25
C GLN A 776 16.00 -14.75 21.59
N THR A 777 15.28 -15.88 21.57
CA THR A 777 15.87 -17.22 21.85
C THR A 777 16.54 -17.78 20.59
N VAL A 778 16.48 -17.07 19.45
CA VAL A 778 17.19 -17.49 18.20
C VAL A 778 18.48 -16.70 18.08
N PRO A 779 19.66 -17.38 18.10
CA PRO A 779 20.95 -16.71 17.92
C PRO A 779 21.09 -16.00 16.56
N ILE A 780 21.41 -14.70 16.59
CA ILE A 780 21.57 -13.83 15.39
C ILE A 780 23.01 -13.33 15.36
N ARG A 794 12.06 -12.82 30.90
CA ARG A 794 11.38 -12.91 29.58
C ARG A 794 11.00 -14.38 29.31
N GLU A 795 9.72 -14.63 29.05
CA GLU A 795 9.14 -15.96 28.75
C GLU A 795 9.69 -16.43 27.40
N PRO A 796 10.35 -17.61 27.32
CA PRO A 796 10.80 -18.15 26.04
C PRO A 796 9.65 -18.45 25.06
N ALA A 797 8.48 -18.83 25.57
CA ALA A 797 7.26 -19.14 24.77
C ALA A 797 6.02 -18.62 25.49
N ILE A 798 5.18 -17.88 24.77
CA ILE A 798 3.83 -17.48 25.23
C ILE A 798 2.84 -18.56 24.81
N HIS A 799 2.20 -19.24 25.77
CA HIS A 799 1.14 -20.24 25.49
C HIS A 799 -0.19 -19.52 25.62
N SER A 800 -0.78 -19.13 24.50
CA SER A 800 -1.97 -18.25 24.46
C SER A 800 -3.23 -19.07 24.14
N GLU A 801 -4.32 -18.75 24.82
CA GLU A 801 -5.69 -19.26 24.51
C GLU A 801 -6.43 -18.24 23.63
N GLY A 802 -5.71 -17.23 23.11
CA GLY A 802 -6.32 -16.03 22.50
C GLY A 802 -6.57 -14.98 23.55
N GLN A 803 -5.57 -14.16 23.84
CA GLN A 803 -5.60 -13.28 25.03
C GLN A 803 -4.59 -12.15 24.86
N TRP A 804 -4.80 -11.09 25.63
CA TRP A 804 -3.88 -9.95 25.80
C TRP A 804 -2.78 -10.34 26.78
N VAL A 805 -1.52 -10.05 26.44
CA VAL A 805 -0.33 -10.38 27.26
C VAL A 805 0.51 -9.11 27.39
N THR A 806 0.91 -8.78 28.62
CA THR A 806 1.87 -7.67 28.89
C THR A 806 3.30 -8.23 28.79
N LEU A 807 4.11 -7.65 27.89
CA LEU A 807 5.49 -8.11 27.60
C LEU A 807 6.46 -7.07 28.14
N PRO A 808 7.65 -7.50 28.66
CA PRO A 808 8.70 -6.55 28.98
C PRO A 808 9.16 -5.96 27.64
N ALA A 809 9.45 -4.65 27.62
CA ALA A 809 9.83 -3.91 26.40
C ALA A 809 10.66 -2.69 26.82
N PRO A 810 11.88 -2.92 27.37
CA PRO A 810 12.78 -1.83 27.68
C PRO A 810 13.20 -1.15 26.37
N LEU A 811 13.82 0.02 26.47
CA LEU A 811 14.18 0.86 25.29
C LEU A 811 14.97 0.04 24.25
N ASP A 812 15.81 -0.91 24.67
CA ASP A 812 16.69 -1.64 23.72
C ASP A 812 15.95 -2.81 23.08
N THR A 813 14.64 -2.92 23.28
CA THR A 813 13.86 -4.12 22.89
C THR A 813 12.66 -3.77 22.02
N ILE A 814 12.41 -4.57 20.98
CA ILE A 814 11.05 -4.71 20.36
C ILE A 814 10.66 -6.18 20.41
N ASN A 815 9.44 -6.43 20.86
CA ASN A 815 8.86 -7.80 20.96
C ASN A 815 8.59 -8.34 19.56
N VAL A 816 9.17 -9.50 19.28
CA VAL A 816 8.96 -10.28 18.04
C VAL A 816 8.79 -11.74 18.46
N HIS A 817 7.69 -12.36 18.04
CA HIS A 817 7.35 -13.76 18.38
C HIS A 817 7.15 -14.55 17.09
N LEU A 818 7.61 -15.80 17.10
CA LEU A 818 7.48 -16.75 15.97
C LEU A 818 6.41 -17.76 16.32
N ARG A 819 5.38 -17.83 15.48
CA ARG A 819 4.26 -18.78 15.60
C ARG A 819 4.76 -20.22 15.52
N ALA A 820 4.28 -21.06 16.44
CA ALA A 820 4.55 -22.51 16.43
C ALA A 820 3.96 -23.12 15.16
N GLY A 821 4.75 -23.94 14.47
CA GLY A 821 4.37 -24.63 13.24
C GLY A 821 5.05 -24.05 12.01
N TYR A 822 5.96 -23.10 12.20
CA TYR A 822 6.60 -22.33 11.11
C TYR A 822 8.12 -22.42 11.20
N ILE A 823 8.72 -22.43 10.00
CA ILE A 823 10.19 -22.42 9.78
C ILE A 823 10.54 -21.19 8.94
N ILE A 824 11.48 -20.40 9.44
CA ILE A 824 11.95 -19.12 8.85
C ILE A 824 13.37 -19.33 8.37
N PRO A 825 13.67 -19.01 7.09
CA PRO A 825 15.06 -18.94 6.61
C PRO A 825 15.70 -17.61 6.99
N LEU A 826 16.95 -17.66 7.45
CA LEU A 826 17.77 -16.50 7.89
C LEU A 826 19.09 -16.52 7.12
N GLN A 827 19.76 -15.38 7.01
CA GLN A 827 21.10 -15.30 6.40
C GLN A 827 21.99 -14.45 7.30
N GLY A 828 23.30 -14.73 7.21
CA GLY A 828 24.33 -14.08 8.02
C GLY A 828 24.43 -12.60 7.67
N PRO A 829 25.23 -11.86 8.45
CA PRO A 829 25.22 -10.40 8.43
C PRO A 829 26.00 -9.78 7.28
N GLY A 830 25.75 -8.49 7.07
CA GLY A 830 26.51 -7.67 6.13
C GLY A 830 26.10 -6.23 6.29
N LEU A 831 26.88 -5.31 5.76
CA LEU A 831 26.47 -3.89 5.78
C LEU A 831 25.68 -3.60 4.49
N THR A 832 25.68 -4.51 3.53
CA THR A 832 24.84 -4.44 2.31
C THR A 832 24.27 -5.81 2.02
N THR A 833 23.26 -5.90 1.13
CA THR A 833 22.77 -7.20 0.63
C THR A 833 23.78 -7.79 -0.35
N THR A 834 24.63 -6.99 -0.95
CA THR A 834 25.74 -7.54 -1.76
C THR A 834 26.61 -8.47 -0.88
N GLU A 835 26.89 -8.02 0.34
CA GLU A 835 27.68 -8.81 1.34
C GLU A 835 26.78 -9.90 1.94
N SER A 836 25.57 -9.56 2.41
CA SER A 836 24.75 -10.51 3.20
C SER A 836 24.34 -11.71 2.33
N ARG A 837 24.09 -11.54 1.03
CA ARG A 837 23.60 -12.64 0.15
C ARG A 837 24.71 -13.70 -0.07
N GLN A 838 25.96 -13.40 0.28
CA GLN A 838 27.10 -14.33 0.15
C GLN A 838 27.27 -15.15 1.43
N GLN A 839 26.54 -14.84 2.50
CA GLN A 839 26.76 -15.44 3.85
C GLN A 839 26.06 -16.78 3.93
N PRO A 840 26.48 -17.66 4.86
CA PRO A 840 25.74 -18.89 5.11
C PRO A 840 24.36 -18.54 5.70
N MET A 841 23.45 -19.47 5.53
CA MET A 841 22.05 -19.36 5.97
C MET A 841 21.81 -20.19 7.23
N ALA A 842 20.64 -19.99 7.81
CA ALA A 842 20.17 -20.68 9.02
C ALA A 842 18.66 -20.90 8.90
N LEU A 843 18.13 -21.87 9.62
CA LEU A 843 16.69 -22.08 9.82
C LEU A 843 16.35 -21.83 11.27
N ALA A 844 15.26 -21.12 11.52
CA ALA A 844 14.58 -21.08 12.83
C ALA A 844 13.34 -21.95 12.73
N VAL A 845 13.28 -23.02 13.51
CA VAL A 845 12.21 -24.05 13.40
C VAL A 845 11.36 -24.03 14.67
N ALA A 846 10.14 -23.49 14.58
CA ALA A 846 9.23 -23.27 15.72
C ALA A 846 8.28 -24.47 15.80
N LEU A 847 8.56 -25.44 16.67
CA LEU A 847 7.77 -26.70 16.67
C LEU A 847 6.39 -26.45 17.31
N THR A 848 5.37 -27.08 16.76
CA THR A 848 4.09 -27.30 17.48
C THR A 848 4.38 -28.24 18.65
N LYS A 849 3.45 -28.33 19.59
CA LYS A 849 3.49 -29.32 20.70
C LYS A 849 3.70 -30.73 20.13
N GLY A 850 3.04 -31.06 19.01
CA GLY A 850 3.16 -32.36 18.33
C GLY A 850 4.44 -32.50 17.50
N GLY A 851 5.31 -31.49 17.48
CA GLY A 851 6.65 -31.58 16.84
C GLY A 851 6.63 -31.26 15.34
N GLU A 852 5.66 -30.50 14.87
CA GLU A 852 5.55 -30.20 13.41
C GLU A 852 5.90 -28.73 13.12
N ALA A 853 6.38 -28.49 11.92
CA ALA A 853 6.61 -27.12 11.41
C ALA A 853 6.84 -27.20 9.91
N ARG A 854 6.52 -26.11 9.22
CA ARG A 854 6.69 -25.97 7.75
CA ARG A 854 6.72 -25.99 7.76
C ARG A 854 7.15 -24.56 7.44
N GLY A 855 7.99 -24.42 6.42
CA GLY A 855 8.37 -23.10 5.91
C GLY A 855 8.93 -23.23 4.53
N GLU A 856 9.37 -22.12 3.96
CA GLU A 856 9.90 -22.16 2.59
C GLU A 856 10.91 -21.06 2.36
N LEU A 857 11.66 -21.24 1.27
CA LEU A 857 12.63 -20.25 0.76
C LEU A 857 12.48 -20.14 -0.74
N PHE A 858 12.33 -18.91 -1.22
CA PHE A 858 12.42 -18.55 -2.65
C PHE A 858 13.73 -17.79 -2.84
N TRP A 859 14.54 -18.19 -3.82
CA TRP A 859 15.83 -17.53 -4.09
C TRP A 859 16.00 -17.37 -5.59
N ASP A 860 16.41 -16.18 -6.01
CA ASP A 860 16.82 -15.89 -7.41
C ASP A 860 18.04 -14.96 -7.35
N ASP A 861 18.41 -14.33 -8.47
CA ASP A 861 19.66 -13.53 -8.55
C ASP A 861 19.43 -12.14 -7.91
N GLY A 862 18.19 -11.82 -7.51
CA GLY A 862 17.84 -10.61 -6.76
C GLY A 862 17.48 -9.42 -7.63
N GLU A 863 17.63 -9.48 -8.97
CA GLU A 863 17.38 -8.24 -9.77
C GLU A 863 16.95 -8.50 -11.21
N SER A 864 17.06 -9.71 -11.76
CA SER A 864 16.69 -9.95 -13.18
C SER A 864 15.19 -9.82 -13.40
N LEU A 865 14.84 -9.49 -14.64
CA LEU A 865 13.43 -9.49 -15.11
C LEU A 865 13.04 -10.91 -15.55
N GLU A 866 11.76 -11.23 -15.46
CA GLU A 866 11.11 -12.43 -16.08
C GLU A 866 11.64 -13.70 -15.43
N VAL A 867 12.03 -13.62 -14.16
CA VAL A 867 12.64 -14.78 -13.44
C VAL A 867 11.64 -15.94 -13.40
N LEU A 868 10.40 -15.71 -13.01
CA LEU A 868 9.43 -16.82 -12.83
C LEU A 868 9.11 -17.44 -14.20
N GLU A 869 8.91 -16.61 -15.23
CA GLU A 869 8.63 -17.07 -16.61
C GLU A 869 9.80 -17.93 -17.11
N ARG A 870 11.04 -17.54 -16.81
CA ARG A 870 12.27 -18.24 -17.30
C ARG A 870 12.64 -19.42 -16.38
N GLY A 871 12.07 -19.51 -15.18
CA GLY A 871 12.38 -20.56 -14.18
C GLY A 871 13.74 -20.35 -13.53
N ALA A 872 14.24 -19.12 -13.45
CA ALA A 872 15.62 -18.80 -12.99
C ALA A 872 15.62 -18.59 -11.48
N TYR A 873 15.17 -19.59 -10.74
CA TYR A 873 14.99 -19.48 -9.28
C TYR A 873 15.07 -20.87 -8.67
N THR A 874 15.27 -20.89 -7.37
CA THR A 874 15.29 -22.08 -6.50
C THR A 874 14.13 -21.89 -5.52
N GLN A 875 13.41 -22.96 -5.23
CA GLN A 875 12.28 -22.94 -4.28
C GLN A 875 12.33 -24.21 -3.45
N VAL A 876 12.46 -24.05 -2.14
CA VAL A 876 12.66 -25.18 -1.20
C VAL A 876 11.62 -25.06 -0.09
N ILE A 877 11.07 -26.19 0.30
CA ILE A 877 10.15 -26.30 1.46
C ILE A 877 10.92 -27.01 2.57
N PHE A 878 10.75 -26.54 3.80
CA PHE A 878 11.34 -27.17 5.02
C PHE A 878 10.19 -27.77 5.83
N LEU A 879 10.37 -29.00 6.33
CA LEU A 879 9.34 -29.75 7.09
C LEU A 879 9.99 -30.32 8.34
N ALA A 880 9.42 -30.01 9.51
CA ALA A 880 9.76 -30.68 10.78
C ALA A 880 8.64 -31.64 11.15
N ARG A 881 9.02 -32.86 11.52
CA ARG A 881 8.09 -33.95 11.89
C ARG A 881 8.88 -35.01 12.66
N ASN A 882 8.33 -35.50 13.77
CA ASN A 882 8.85 -36.68 14.49
C ASN A 882 10.37 -36.55 14.70
N ASN A 883 10.83 -35.41 15.21
CA ASN A 883 12.26 -35.22 15.61
C ASN A 883 13.15 -35.27 14.37
N THR A 884 12.64 -34.87 13.20
CA THR A 884 13.44 -34.72 11.96
C THR A 884 13.13 -33.36 11.31
N ILE A 885 14.11 -32.84 10.56
CA ILE A 885 13.97 -31.65 9.68
C ILE A 885 14.51 -32.03 8.30
N VAL A 886 13.69 -31.87 7.26
CA VAL A 886 14.06 -32.19 5.86
C VAL A 886 13.74 -30.97 5.01
N ASN A 887 14.37 -30.92 3.85
CA ASN A 887 13.98 -29.98 2.78
C ASN A 887 13.32 -30.81 1.67
N GLU A 888 12.45 -30.16 0.94
CA GLU A 888 11.70 -30.71 -0.21
C GLU A 888 11.99 -29.75 -1.36
N LEU A 889 12.61 -30.29 -2.41
CA LEU A 889 13.16 -29.47 -3.51
C LEU A 889 12.04 -29.25 -4.52
N VAL A 890 11.40 -28.08 -4.51
CA VAL A 890 10.32 -27.77 -5.49
C VAL A 890 11.00 -27.42 -6.82
N ARG A 891 12.02 -26.57 -6.79
CA ARG A 891 12.81 -26.22 -7.99
C ARG A 891 14.23 -25.88 -7.54
N VAL A 892 15.20 -26.41 -8.27
CA VAL A 892 16.63 -26.12 -7.97
C VAL A 892 17.29 -25.73 -9.28
N THR A 893 17.81 -24.51 -9.37
CA THR A 893 18.59 -24.03 -10.53
C THR A 893 19.89 -23.43 -10.02
N SER A 894 20.72 -22.93 -10.92
CA SER A 894 22.05 -22.35 -10.62
C SER A 894 21.92 -21.25 -9.57
N GLU A 895 20.88 -20.41 -9.65
CA GLU A 895 20.62 -19.38 -8.61
C GLU A 895 20.00 -20.09 -7.39
N GLY A 896 20.80 -20.33 -6.36
CA GLY A 896 20.33 -20.87 -5.07
C GLY A 896 20.84 -22.28 -4.76
N ALA A 897 21.35 -23.01 -5.76
CA ALA A 897 21.73 -24.43 -5.60
C ALA A 897 22.80 -24.56 -4.49
N GLY A 898 23.82 -23.70 -4.55
CA GLY A 898 24.98 -23.69 -3.63
C GLY A 898 24.80 -22.84 -2.38
N LEU A 899 23.57 -22.48 -2.01
CA LEU A 899 23.32 -21.77 -0.73
C LEU A 899 23.73 -22.68 0.43
N GLN A 900 24.56 -22.18 1.34
CA GLN A 900 25.11 -22.98 2.47
C GLN A 900 24.18 -22.85 3.69
N LEU A 901 23.71 -23.98 4.22
CA LEU A 901 22.97 -24.01 5.50
C LEU A 901 23.96 -24.44 6.57
N GLN A 902 24.19 -23.58 7.56
CA GLN A 902 25.24 -23.82 8.58
C GLN A 902 24.65 -23.96 9.98
N LYS A 903 23.42 -23.53 10.20
CA LYS A 903 22.84 -23.51 11.56
C LYS A 903 21.35 -23.83 11.50
N VAL A 904 20.89 -24.68 12.41
CA VAL A 904 19.45 -25.00 12.56
C VAL A 904 19.09 -24.83 14.04
N THR A 905 18.24 -23.85 14.33
CA THR A 905 17.78 -23.56 15.71
C THR A 905 16.36 -24.10 15.84
N VAL A 906 16.13 -25.04 16.75
CA VAL A 906 14.82 -25.66 16.96
C VAL A 906 14.23 -25.16 18.28
N LEU A 907 13.04 -24.56 18.22
CA LEU A 907 12.35 -24.00 19.40
C LEU A 907 11.26 -25.00 19.85
N GLY A 908 11.08 -25.18 21.15
CA GLY A 908 10.03 -26.07 21.70
C GLY A 908 10.51 -27.52 21.84
N VAL A 909 11.80 -27.73 22.07
CA VAL A 909 12.41 -29.08 22.29
C VAL A 909 12.41 -29.30 23.80
N ALA A 910 11.47 -30.12 24.29
CA ALA A 910 11.10 -30.25 25.72
C ALA A 910 12.18 -30.97 26.52
N THR A 911 12.94 -31.88 25.90
CA THR A 911 14.01 -32.64 26.61
C THR A 911 15.32 -32.62 25.81
N ALA A 912 16.44 -32.48 26.52
CA ALA A 912 17.83 -32.54 25.99
C ALA A 912 17.97 -33.81 25.15
N PRO A 913 18.39 -33.71 23.87
CA PRO A 913 18.66 -34.89 23.07
C PRO A 913 19.99 -35.51 23.53
N GLN A 914 20.11 -36.82 23.40
CA GLN A 914 21.39 -37.55 23.62
C GLN A 914 22.24 -37.51 22.34
N GLN A 915 21.59 -37.50 21.17
CA GLN A 915 22.31 -37.41 19.88
C GLN A 915 21.57 -36.49 18.92
N VAL A 916 22.35 -35.78 18.09
CA VAL A 916 21.85 -34.95 16.98
C VAL A 916 22.62 -35.39 15.74
N LEU A 917 21.91 -35.83 14.72
CA LEU A 917 22.49 -36.35 13.46
C LEU A 917 22.19 -35.38 12.32
N SER A 918 23.15 -35.27 11.40
CA SER A 918 22.97 -34.61 10.09
C SER A 918 23.34 -35.62 9.01
N ASN A 919 22.36 -36.02 8.19
CA ASN A 919 22.50 -37.06 7.16
C ASN A 919 23.09 -38.34 7.79
N GLY A 920 22.69 -38.64 9.03
CA GLY A 920 23.00 -39.93 9.69
C GLY A 920 24.28 -39.89 10.50
N VAL A 921 25.03 -38.79 10.46
CA VAL A 921 26.33 -38.63 11.17
C VAL A 921 26.14 -37.68 12.33
N PRO A 922 26.68 -37.99 13.52
CA PRO A 922 26.66 -37.07 14.65
C PRO A 922 27.21 -35.70 14.22
N VAL A 923 26.49 -34.62 14.53
CA VAL A 923 26.90 -33.25 14.09
C VAL A 923 28.18 -32.86 14.84
N SER A 924 28.93 -31.90 14.30
CA SER A 924 30.19 -31.39 14.87
C SER A 924 29.91 -30.77 16.25
N ASN A 925 28.79 -30.07 16.38
CA ASN A 925 28.40 -29.47 17.69
C ASN A 925 26.92 -29.06 17.69
N PHE A 926 26.31 -29.16 18.86
CA PHE A 926 24.98 -28.60 19.16
C PHE A 926 24.99 -28.13 20.61
N THR A 927 24.13 -27.19 20.94
CA THR A 927 23.86 -26.78 22.35
C THR A 927 22.37 -26.92 22.61
N TYR A 928 22.02 -27.35 23.82
CA TYR A 928 20.61 -27.43 24.27
C TYR A 928 20.49 -26.61 25.56
N SER A 929 19.50 -25.72 25.60
CA SER A 929 19.19 -24.86 26.78
CA SER A 929 19.19 -24.86 26.78
C SER A 929 17.90 -25.34 27.45
N PRO A 930 18.00 -26.00 28.62
CA PRO A 930 16.82 -26.51 29.34
C PRO A 930 15.85 -25.40 29.77
N ASP A 931 16.37 -24.21 30.07
CA ASP A 931 15.54 -23.05 30.49
C ASP A 931 14.68 -22.56 29.32
N THR A 932 15.20 -22.50 28.09
CA THR A 932 14.52 -21.89 26.92
C THR A 932 13.95 -22.94 25.96
N LYS A 933 14.31 -24.22 26.15
CA LYS A 933 13.89 -25.37 25.32
C LYS A 933 14.37 -25.16 23.87
N VAL A 934 15.53 -24.58 23.70
CA VAL A 934 16.11 -24.30 22.35
C VAL A 934 17.24 -25.29 22.09
N LEU A 935 17.18 -25.96 20.93
CA LEU A 935 18.25 -26.83 20.39
C LEU A 935 18.92 -26.11 19.23
N ASP A 936 20.21 -25.76 19.38
CA ASP A 936 21.00 -25.02 18.38
C ASP A 936 22.03 -25.99 17.77
N ILE A 937 22.00 -26.17 16.45
CA ILE A 937 22.71 -27.26 15.73
C ILE A 937 23.61 -26.66 14.66
N VAL A 939 25.66 -27.34 11.31
CA VAL A 939 25.58 -28.26 10.14
C VAL A 939 26.42 -27.68 8.99
N SER A 940 26.63 -28.51 7.97
CA SER A 940 27.30 -28.14 6.69
C SER A 940 26.48 -28.71 5.55
N LEU A 941 25.37 -28.05 5.22
CA LEU A 941 24.37 -28.55 4.26
C LEU A 941 24.16 -27.50 3.17
N LEU A 942 23.48 -27.91 2.09
CA LEU A 942 23.16 -27.05 0.93
C LEU A 942 21.64 -27.02 0.78
N MET A 943 21.08 -25.82 0.58
CA MET A 943 19.61 -25.63 0.49
C MET A 943 19.07 -26.47 -0.65
N GLY A 944 19.84 -26.64 -1.72
CA GLY A 944 19.42 -27.26 -2.98
C GLY A 944 19.72 -28.75 -3.03
N GLU A 945 20.12 -29.34 -1.91
CA GLU A 945 20.41 -30.80 -1.81
C GLU A 945 19.63 -31.41 -0.65
N GLN A 946 18.91 -32.50 -0.90
CA GLN A 946 18.07 -33.16 0.14
C GLN A 946 18.93 -33.51 1.35
N PHE A 947 18.49 -33.09 2.53
CA PHE A 947 19.15 -33.40 3.81
C PHE A 947 18.11 -33.95 4.79
N LEU A 948 18.61 -34.59 5.84
CA LEU A 948 17.77 -35.02 7.00
C LEU A 948 18.56 -34.76 8.27
N VAL A 949 18.04 -33.88 9.12
CA VAL A 949 18.60 -33.58 10.47
C VAL A 949 17.64 -34.23 11.49
N SER A 950 18.19 -35.01 12.42
CA SER A 950 17.36 -35.74 13.41
C SER A 950 17.99 -35.60 14.80
N TRP A 951 17.18 -35.76 15.84
CA TRP A 951 17.65 -35.72 17.25
C TRP A 951 16.77 -36.67 18.06
N CYS A 952 17.30 -37.14 19.17
CA CYS A 952 16.55 -38.01 20.12
C CYS A 952 17.29 -38.01 21.47
#